data_7FST
#
_entry.id   7FST
#
_cell.length_a   80.277
_cell.length_b   49.437
_cell.length_c   116.172
_cell.angle_alpha   90.000
_cell.angle_beta   94.800
_cell.angle_gamma   90.000
#
_symmetry.space_group_name_H-M   'P 1 21 1'
#
loop_
_entity.id
_entity.type
_entity.pdbx_description
1 polymer Syntenin-1
2 non-polymer 1,2-ETHANEDIOL
3 non-polymer 'D-GLUTAMIC ACID'
4 non-polymer N-(4-chloro-2,5-dimethoxyphenyl)acetamide
5 non-polymer GLYCINE
6 non-polymer 'SULFATE ION'
7 non-polymer ALANINE
8 water water
#
_entity_poly.entity_id   1
_entity_poly.type   'polypeptide(L)'
_entity_poly.pdbx_seq_one_letter_code
;SMAEIKQGIREVILCKDQDGKIGLRLKSIDNGIFVQLVQANSPASLVGLRFGDQVLQINGENCAGWSSDKAHKVLKQAFG
EKITMTIRDRPFERTITMHKDSTGHVGFIFKNGKITSIVKDSSAARNGLLTEHNICEINGQNVIGLKDSQIADILSTSGT
VVTITIMPAFIFEHIIKRMAPSIMKSLMDHTIPEV
;
_entity_poly.pdbx_strand_id   A,B,C,D
#
# COMPACT_ATOMS: atom_id res chain seq x y z
N ILE A 5 -23.76 -12.24 10.05
CA ILE A 5 -23.04 -11.56 8.93
C ILE A 5 -24.02 -11.33 7.78
N LYS A 6 -24.54 -10.10 7.73
CA LYS A 6 -25.43 -9.63 6.68
C LYS A 6 -24.65 -9.50 5.37
N GLN A 7 -25.27 -9.91 4.25
CA GLN A 7 -24.74 -9.66 2.91
C GLN A 7 -25.15 -8.26 2.46
N GLY A 8 -25.62 -7.50 3.45
CA GLY A 8 -26.03 -6.13 3.26
C GLY A 8 -24.83 -5.21 3.12
N ILE A 9 -25.09 -4.18 2.32
CA ILE A 9 -24.64 -2.83 2.52
C ILE A 9 -25.76 -2.10 3.25
N ARG A 10 -25.42 -1.47 4.38
CA ARG A 10 -26.37 -0.63 5.11
C ARG A 10 -25.74 0.75 5.21
N GLU A 11 -26.54 1.76 5.59
CA GLU A 11 -26.07 3.12 5.77
C GLU A 11 -26.23 3.48 7.23
N VAL A 12 -25.27 4.24 7.77
CA VAL A 12 -25.36 4.72 9.15
C VAL A 12 -25.18 6.23 9.14
N ILE A 13 -25.89 6.88 10.05
CA ILE A 13 -25.77 8.30 10.23
C ILE A 13 -25.12 8.48 11.59
N LEU A 14 -24.00 9.19 11.63
CA LEU A 14 -23.20 9.33 12.83
C LEU A 14 -23.29 10.78 13.24
N CYS A 15 -22.90 11.07 14.48
CA CYS A 15 -22.91 12.41 15.04
C CYS A 15 -21.86 12.53 16.15
N LYS A 16 -20.87 13.43 15.97
CA LYS A 16 -19.81 13.56 16.94
C LYS A 16 -20.39 13.78 18.33
N ASP A 17 -19.67 13.33 19.36
CA ASP A 17 -20.08 13.58 20.73
C ASP A 17 -19.65 15.01 21.06
N GLN A 18 -19.88 15.39 22.33
CA GLN A 18 -19.51 16.68 22.85
C GLN A 18 -18.06 17.03 22.49
N ASP A 19 -17.18 16.03 22.51
CA ASP A 19 -15.75 16.27 22.39
C ASP A 19 -15.28 16.14 20.95
N GLY A 20 -16.21 15.99 20.01
CA GLY A 20 -15.87 15.87 18.60
C GLY A 20 -15.34 14.49 18.25
N LYS A 21 -15.78 13.46 19.00
CA LYS A 21 -15.30 12.10 18.81
C LYS A 21 -16.45 11.26 18.31
N ILE A 22 -16.15 10.24 17.50
CA ILE A 22 -17.16 9.27 17.10
C ILE A 22 -16.80 7.91 17.65
N GLY A 23 -15.55 7.74 18.09
CA GLY A 23 -15.13 6.56 18.84
C GLY A 23 -14.64 5.46 17.92
N LEU A 24 -13.89 5.83 16.88
CA LEU A 24 -13.59 4.86 15.85
C LEU A 24 -12.14 5.02 15.43
N ARG A 25 -11.50 3.90 15.13
CA ARG A 25 -10.21 3.85 14.44
C ARG A 25 -10.40 2.94 13.24
N LEU A 26 -9.79 3.30 12.08
CA LEU A 26 -9.99 2.60 10.82
C LEU A 26 -8.65 2.04 10.33
N LYS A 27 -8.63 0.90 9.63
CA LYS A 27 -7.40 0.32 9.10
C LYS A 27 -7.51 0.02 7.60
N SER A 28 -6.45 0.33 6.85
CA SER A 28 -6.42 0.09 5.40
C SER A 28 -6.05 -1.36 5.11
N ILE A 29 -6.88 -2.08 4.37
CA ILE A 29 -6.70 -3.51 4.15
C ILE A 29 -7.05 -3.87 2.71
N ASP A 30 -6.06 -4.37 1.97
CA ASP A 30 -6.27 -4.75 0.58
C ASP A 30 -7.06 -3.67 -0.15
N ASN A 31 -6.68 -2.40 0.08
CA ASN A 31 -7.20 -1.24 -0.64
C ASN A 31 -8.65 -0.90 -0.28
N GLY A 32 -9.16 -1.47 0.81
CA GLY A 32 -10.38 -0.97 1.41
C GLY A 32 -10.13 -0.44 2.81
N ILE A 33 -11.21 -0.06 3.50
CA ILE A 33 -11.08 0.53 4.82
C ILE A 33 -11.97 -0.22 5.80
N PHE A 34 -11.37 -0.64 6.90
CA PHE A 34 -12.00 -1.55 7.84
C PHE A 34 -11.92 -0.99 9.26
N VAL A 35 -12.90 -1.36 10.09
CA VAL A 35 -13.01 -0.92 11.47
C VAL A 35 -12.10 -1.80 12.34
N GLN A 36 -11.09 -1.13 12.93
CA GLN A 36 -10.10 -1.69 13.84
C GLN A 36 -10.58 -1.62 15.28
N LEU A 37 -11.21 -0.50 15.68
CA LEU A 37 -11.70 -0.40 17.05
C LEU A 37 -12.94 0.48 17.13
N VAL A 38 -13.89 0.02 17.95
CA VAL A 38 -15.09 0.79 18.29
C VAL A 38 -15.07 0.97 19.80
N GLN A 39 -15.05 2.23 20.22
CA GLN A 39 -14.98 2.65 21.62
C GLN A 39 -16.35 2.52 22.28
N ALA A 40 -16.37 2.06 23.53
CA ALA A 40 -17.61 1.88 24.27
C ALA A 40 -18.29 3.23 24.49
N ASN A 41 -19.63 3.25 24.50
CA ASN A 41 -20.41 4.46 24.74
C ASN A 41 -19.99 5.59 23.80
N SER A 42 -19.74 5.23 22.54
CA SER A 42 -19.40 6.19 21.50
C SER A 42 -20.53 6.24 20.49
N PRO A 43 -20.56 7.26 19.61
CA PRO A 43 -21.52 7.29 18.52
C PRO A 43 -21.43 6.07 17.59
N ALA A 44 -20.19 5.61 17.36
CA ALA A 44 -19.93 4.47 16.51
C ALA A 44 -20.51 3.21 17.11
N SER A 45 -20.38 3.05 18.43
CA SER A 45 -21.00 1.94 19.15
C SER A 45 -22.53 2.03 19.11
N LEU A 46 -23.07 3.26 19.17
CA LEU A 46 -24.52 3.46 19.26
C LEU A 46 -25.19 3.23 17.92
N VAL A 47 -24.50 3.56 16.83
CA VAL A 47 -25.11 3.35 15.54
C VAL A 47 -24.92 1.90 15.14
N GLY A 48 -24.05 1.16 15.86
CA GLY A 48 -23.94 -0.28 15.67
C GLY A 48 -22.76 -0.71 14.79
N LEU A 49 -21.73 0.13 14.68
CA LEU A 49 -20.53 -0.26 13.97
C LEU A 49 -19.79 -1.34 14.76
N ARG A 50 -19.21 -2.29 14.00
CA ARG A 50 -18.62 -3.48 14.58
C ARG A 50 -17.19 -3.62 14.06
N PHE A 51 -16.28 -4.10 14.92
CA PHE A 51 -14.97 -4.54 14.48
C PHE A 51 -15.08 -5.42 13.23
N GLY A 52 -14.32 -5.08 12.19
CA GLY A 52 -14.29 -5.88 10.98
C GLY A 52 -15.15 -5.31 9.86
N ASP A 53 -15.99 -4.31 10.14
CA ASP A 53 -16.88 -3.73 9.14
C ASP A 53 -16.03 -2.99 8.13
N GLN A 54 -16.42 -3.09 6.87
CA GLN A 54 -15.83 -2.28 5.82
C GLN A 54 -16.62 -0.98 5.66
N VAL A 55 -15.91 0.15 5.69
CA VAL A 55 -16.45 1.45 5.30
C VAL A 55 -16.23 1.62 3.80
N LEU A 56 -17.31 1.54 3.00
CA LEU A 56 -17.20 1.74 1.55
C LEU A 56 -17.16 3.24 1.23
N GLN A 57 -18.04 4.01 1.88
CA GLN A 57 -18.11 5.44 1.68
C GLN A 57 -18.17 6.18 3.02
N ILE A 58 -17.63 7.39 3.02
CA ILE A 58 -17.83 8.37 4.08
C ILE A 58 -18.34 9.66 3.43
N ASN A 59 -19.52 10.12 3.85
CA ASN A 59 -20.14 11.30 3.28
C ASN A 59 -20.17 11.19 1.77
N GLY A 60 -20.59 10.03 1.25
CA GLY A 60 -20.83 9.86 -0.18
C GLY A 60 -19.57 9.66 -1.01
N GLU A 61 -18.38 9.76 -0.41
CA GLU A 61 -17.12 9.64 -1.14
C GLU A 61 -16.56 8.24 -0.95
N ASN A 62 -15.97 7.65 -2.00
CA ASN A 62 -15.47 6.29 -1.96
C ASN A 62 -14.17 6.17 -1.17
N CYS A 63 -14.06 5.13 -0.33
CA CYS A 63 -12.92 4.95 0.54
C CYS A 63 -11.78 4.18 -0.15
N ALA A 64 -12.01 3.61 -1.34
CA ALA A 64 -11.04 2.67 -1.88
C ALA A 64 -9.67 3.33 -2.04
N GLY A 65 -8.62 2.56 -1.80
CA GLY A 65 -7.26 3.05 -1.88
C GLY A 65 -6.82 3.98 -0.74
N TRP A 66 -7.72 4.48 0.10
CA TRP A 66 -7.35 5.42 1.15
C TRP A 66 -6.37 4.79 2.14
N SER A 67 -5.49 5.61 2.74
CA SER A 67 -4.68 5.16 3.85
C SER A 67 -5.50 5.32 5.14
N SER A 68 -5.08 4.62 6.20
CA SER A 68 -5.65 4.82 7.52
C SER A 68 -5.60 6.31 7.89
N ASP A 69 -4.42 6.93 7.72
CA ASP A 69 -4.21 8.32 8.07
C ASP A 69 -5.26 9.22 7.42
N LYS A 70 -5.63 8.93 6.16
CA LYS A 70 -6.49 9.80 5.38
C LYS A 70 -7.94 9.61 5.81
N ALA A 71 -8.30 8.35 6.04
CA ALA A 71 -9.62 8.03 6.56
C ALA A 71 -9.88 8.80 7.85
N HIS A 72 -8.90 8.80 8.79
CA HIS A 72 -8.95 9.56 10.04
C HIS A 72 -9.00 11.07 9.84
N LYS A 73 -8.27 11.57 8.84
CA LYS A 73 -8.32 12.98 8.51
C LYS A 73 -9.74 13.34 8.07
N VAL A 74 -10.35 12.49 7.24
CA VAL A 74 -11.67 12.78 6.69
C VAL A 74 -12.67 12.90 7.84
N LEU A 75 -12.65 11.95 8.77
CA LEU A 75 -13.66 11.92 9.82
C LEU A 75 -13.61 13.19 10.67
N LYS A 76 -12.39 13.69 10.90
CA LYS A 76 -12.16 14.87 11.70
C LYS A 76 -12.74 16.08 10.96
N GLN A 77 -12.28 16.30 9.73
CA GLN A 77 -12.60 17.49 8.95
C GLN A 77 -14.10 17.69 8.72
N ALA A 78 -14.91 16.62 8.80
CA ALA A 78 -16.33 16.72 8.46
C ALA A 78 -17.10 17.43 9.59
N PHE A 79 -18.20 18.09 9.24
CA PHE A 79 -19.10 18.70 10.23
C PHE A 79 -19.85 17.60 10.99
N GLY A 80 -19.71 17.61 12.32
CA GLY A 80 -20.19 16.53 13.16
C GLY A 80 -21.70 16.33 13.07
N GLU A 81 -22.40 17.32 12.50
CA GLU A 81 -23.85 17.32 12.28
C GLU A 81 -24.35 15.95 11.84
N LYS A 82 -23.98 15.55 10.61
CA LYS A 82 -24.30 14.24 10.09
C LYS A 82 -23.12 13.79 9.23
N ILE A 83 -22.50 12.69 9.67
CA ILE A 83 -21.56 11.94 8.86
C ILE A 83 -22.28 10.67 8.43
N THR A 84 -22.48 10.49 7.12
CA THR A 84 -23.13 9.31 6.61
C THR A 84 -22.05 8.33 6.18
N MET A 85 -22.25 7.05 6.51
CA MET A 85 -21.27 6.03 6.17
C MET A 85 -21.98 4.89 5.44
N THR A 86 -21.25 4.23 4.53
CA THR A 86 -21.77 3.07 3.84
C THR A 86 -20.89 1.85 4.18
N ILE A 87 -21.57 0.85 4.73
CA ILE A 87 -20.95 -0.20 5.53
C ILE A 87 -21.31 -1.54 4.90
N ARG A 88 -20.28 -2.36 4.64
CA ARG A 88 -20.47 -3.79 4.37
C ARG A 88 -20.18 -4.56 5.66
N ASP A 89 -21.13 -5.40 6.07
CA ASP A 89 -21.07 -6.09 7.34
C ASP A 89 -19.92 -7.11 7.35
N ARG A 90 -19.01 -6.93 8.32
CA ARG A 90 -17.98 -7.88 8.73
C ARG A 90 -17.58 -8.84 7.62
N PRO A 91 -17.00 -8.36 6.52
CA PRO A 91 -16.79 -9.20 5.34
C PRO A 91 -15.79 -10.34 5.50
N PHE A 92 -14.78 -10.12 6.37
CA PHE A 92 -13.76 -11.11 6.62
C PHE A 92 -14.18 -12.10 7.72
N GLU A 93 -15.43 -12.08 8.18
CA GLU A 93 -15.80 -13.01 9.24
C GLU A 93 -16.98 -13.87 8.84
N ARG A 94 -17.09 -15.02 9.51
CA ARG A 94 -18.25 -15.90 9.41
C ARG A 94 -18.78 -16.24 10.80
N THR A 95 -20.05 -16.65 10.86
CA THR A 95 -20.65 -17.06 12.10
C THR A 95 -20.98 -18.55 12.05
N ILE A 96 -20.66 -19.22 13.15
CA ILE A 96 -20.94 -20.64 13.34
C ILE A 96 -21.84 -20.74 14.56
N THR A 97 -22.90 -21.53 14.43
CA THR A 97 -23.80 -21.85 15.53
C THR A 97 -23.45 -23.24 16.08
N MET A 98 -23.20 -23.33 17.39
CA MET A 98 -22.95 -24.62 18.01
C MET A 98 -23.96 -24.90 19.14
N HIS A 99 -24.04 -26.17 19.55
CA HIS A 99 -24.92 -26.56 20.64
C HIS A 99 -24.10 -27.30 21.70
N LYS A 100 -24.34 -26.94 22.97
CA LYS A 100 -23.52 -27.44 24.07
C LYS A 100 -23.96 -28.86 24.37
N ASP A 101 -22.99 -29.72 24.68
CA ASP A 101 -23.28 -31.07 25.11
C ASP A 101 -23.79 -31.07 26.55
N SER A 102 -23.92 -32.27 27.13
CA SER A 102 -24.49 -32.43 28.46
C SER A 102 -23.52 -31.89 29.50
N THR A 103 -22.22 -31.87 29.17
CA THR A 103 -21.21 -31.34 30.06
C THR A 103 -20.97 -29.85 29.80
N GLY A 104 -21.80 -29.24 28.95
CA GLY A 104 -21.68 -27.82 28.64
C GLY A 104 -20.43 -27.49 27.83
N HIS A 105 -20.10 -28.36 26.87
CA HIS A 105 -18.95 -28.20 25.99
C HIS A 105 -19.44 -28.01 24.56
N VAL A 106 -18.74 -27.21 23.76
CA VAL A 106 -19.05 -27.12 22.33
C VAL A 106 -17.98 -27.83 21.50
N GLY A 107 -16.74 -27.84 21.99
CA GLY A 107 -15.72 -28.78 21.54
C GLY A 107 -14.58 -28.11 20.78
N PHE A 108 -13.89 -27.15 21.42
CA PHE A 108 -12.62 -26.68 20.90
C PHE A 108 -11.69 -26.18 22.01
N ILE A 109 -10.43 -26.00 21.63
CA ILE A 109 -9.38 -25.40 22.45
C ILE A 109 -8.94 -24.12 21.75
N PHE A 110 -8.74 -23.05 22.55
CA PHE A 110 -8.30 -21.77 22.03
C PHE A 110 -7.21 -21.23 22.96
N LYS A 111 -6.26 -20.48 22.39
CA LYS A 111 -5.22 -19.79 23.15
C LYS A 111 -5.00 -18.38 22.60
N ASN A 112 -5.16 -17.37 23.48
CA ASN A 112 -5.05 -15.98 23.09
C ASN A 112 -6.18 -15.68 22.10
N GLY A 113 -7.38 -16.20 22.36
CA GLY A 113 -8.52 -15.99 21.51
C GLY A 113 -8.48 -16.72 20.16
N LYS A 114 -7.40 -17.49 19.87
CA LYS A 114 -7.26 -18.23 18.62
C LYS A 114 -7.55 -19.72 18.79
N ILE A 115 -8.50 -20.24 18.01
CA ILE A 115 -8.87 -21.64 18.10
C ILE A 115 -7.70 -22.48 17.55
N THR A 116 -7.30 -23.52 18.31
CA THR A 116 -6.11 -24.29 17.99
C THR A 116 -6.41 -25.78 17.90
N SER A 117 -7.58 -26.22 18.36
CA SER A 117 -7.93 -27.62 18.17
C SER A 117 -9.44 -27.81 18.26
N ILE A 118 -9.93 -28.85 17.58
CA ILE A 118 -11.35 -29.19 17.50
C ILE A 118 -11.52 -30.60 18.09
N VAL A 119 -12.39 -30.73 19.09
CA VAL A 119 -12.53 -32.00 19.80
C VAL A 119 -13.43 -32.93 19.00
N LYS A 120 -12.95 -34.16 18.81
CA LYS A 120 -13.64 -35.11 17.96
C LYS A 120 -15.01 -35.37 18.56
N ASP A 121 -15.97 -35.63 17.67
CA ASP A 121 -17.37 -35.86 18.02
C ASP A 121 -17.98 -34.66 18.77
N SER A 122 -17.34 -33.49 18.78
CA SER A 122 -17.99 -32.31 19.34
C SER A 122 -18.98 -31.73 18.33
N SER A 123 -19.76 -30.74 18.82
CA SER A 123 -20.64 -29.94 17.99
C SER A 123 -19.84 -29.02 17.08
N ALA A 124 -18.76 -28.43 17.62
CA ALA A 124 -17.76 -27.72 16.83
C ALA A 124 -17.29 -28.54 15.62
N ALA A 125 -17.18 -29.86 15.80
CA ALA A 125 -16.69 -30.76 14.77
C ALA A 125 -17.75 -30.91 13.69
N ARG A 126 -19.00 -31.16 14.15
CA ARG A 126 -20.16 -31.32 13.30
C ARG A 126 -20.49 -30.08 12.50
N ASN A 127 -20.08 -28.91 13.01
CA ASN A 127 -20.37 -27.63 12.39
C ASN A 127 -19.19 -27.09 11.59
N GLY A 128 -18.08 -27.83 11.62
CA GLY A 128 -16.90 -27.52 10.82
C GLY A 128 -16.21 -26.24 11.26
N LEU A 129 -16.12 -26.03 12.59
CA LEU A 129 -15.32 -24.96 13.13
C LEU A 129 -13.87 -25.13 12.70
N LEU A 130 -13.18 -24.02 12.41
CA LEU A 130 -11.79 -24.10 11.99
C LEU A 130 -10.85 -23.56 13.05
N THR A 131 -9.63 -24.12 13.05
CA THR A 131 -8.48 -23.62 13.79
C THR A 131 -7.80 -22.49 13.01
N GLU A 132 -6.74 -21.91 13.58
CA GLU A 132 -6.10 -20.71 13.05
C GLU A 132 -7.15 -19.61 12.78
N HIS A 133 -8.15 -19.52 13.65
CA HIS A 133 -9.17 -18.49 13.55
C HIS A 133 -9.26 -17.76 14.91
N ASN A 134 -9.20 -16.42 14.88
CA ASN A 134 -9.45 -15.61 16.06
C ASN A 134 -10.95 -15.45 16.26
N ILE A 135 -11.38 -15.60 17.52
CA ILE A 135 -12.74 -15.32 17.94
C ILE A 135 -12.89 -13.82 18.04
N CYS A 136 -13.94 -13.28 17.39
CA CYS A 136 -14.24 -11.85 17.39
C CYS A 136 -15.45 -11.52 18.26
N GLU A 137 -16.45 -12.39 18.23
CA GLU A 137 -17.68 -12.17 18.94
C GLU A 137 -18.20 -13.52 19.48
N ILE A 138 -18.92 -13.49 20.62
CA ILE A 138 -19.78 -14.59 21.03
C ILE A 138 -21.19 -14.08 21.27
N ASN A 139 -22.18 -14.76 20.68
CA ASN A 139 -23.58 -14.41 20.87
C ASN A 139 -23.73 -12.92 20.66
N GLY A 140 -23.08 -12.43 19.61
CA GLY A 140 -23.22 -11.06 19.15
C GLY A 140 -22.44 -10.04 19.98
N GLN A 141 -21.60 -10.48 20.91
CA GLN A 141 -20.84 -9.59 21.77
C GLN A 141 -19.36 -9.76 21.46
N ASN A 142 -18.67 -8.61 21.39
CA ASN A 142 -17.29 -8.54 20.96
C ASN A 142 -16.44 -8.96 22.16
N VAL A 143 -15.48 -9.87 21.95
CA VAL A 143 -14.67 -10.43 23.03
C VAL A 143 -13.20 -10.25 22.74
N ILE A 144 -12.87 -9.38 21.78
CA ILE A 144 -11.48 -9.19 21.35
C ILE A 144 -10.69 -8.40 22.39
N GLY A 145 -9.64 -9.03 22.95
CA GLY A 145 -8.80 -8.38 23.95
C GLY A 145 -9.17 -8.79 25.38
N LEU A 146 -10.37 -9.37 25.55
CA LEU A 146 -10.71 -10.04 26.80
C LEU A 146 -9.72 -11.16 27.07
N LYS A 147 -9.66 -11.62 28.31
CA LYS A 147 -8.71 -12.67 28.67
C LYS A 147 -9.26 -14.03 28.22
N ASP A 148 -8.40 -15.05 28.11
CA ASP A 148 -8.92 -16.35 27.74
C ASP A 148 -9.98 -16.83 28.75
N SER A 149 -9.76 -16.53 30.05
CA SER A 149 -10.63 -17.04 31.09
C SER A 149 -12.03 -16.40 31.02
N GLN A 150 -12.08 -15.13 30.60
CA GLN A 150 -13.31 -14.37 30.49
C GLN A 150 -14.12 -14.80 29.27
N ILE A 151 -13.42 -15.25 28.22
CA ILE A 151 -14.09 -15.80 27.05
C ILE A 151 -14.75 -17.13 27.45
N ALA A 152 -14.00 -17.92 28.24
CA ALA A 152 -14.53 -19.14 28.85
C ALA A 152 -15.77 -18.85 29.70
N ASP A 153 -15.75 -17.73 30.45
CA ASP A 153 -16.87 -17.35 31.32
C ASP A 153 -18.09 -16.99 30.47
N ILE A 154 -17.88 -16.43 29.28
CA ILE A 154 -19.03 -16.01 28.45
C ILE A 154 -19.68 -17.25 27.83
N LEU A 155 -18.84 -18.26 27.55
CA LEU A 155 -19.30 -19.50 26.98
C LEU A 155 -20.07 -20.28 28.04
N SER A 156 -19.54 -20.34 29.27
CA SER A 156 -20.27 -20.82 30.44
C SER A 156 -21.62 -20.14 30.61
N THR A 157 -21.62 -18.82 30.79
CA THR A 157 -22.84 -18.08 31.11
C THR A 157 -23.83 -18.15 29.94
N SER A 158 -23.39 -18.69 28.81
CA SER A 158 -24.24 -18.75 27.64
C SER A 158 -25.20 -19.93 27.75
N GLY A 159 -26.40 -19.70 27.22
CA GLY A 159 -27.34 -20.77 26.99
C GLY A 159 -26.81 -21.69 25.89
N THR A 160 -27.28 -22.94 25.94
CA THR A 160 -26.86 -24.05 25.09
C THR A 160 -26.49 -23.67 23.64
N VAL A 161 -27.29 -22.84 22.99
CA VAL A 161 -26.98 -22.38 21.64
C VAL A 161 -25.89 -21.32 21.72
N VAL A 162 -24.71 -21.64 21.16
CA VAL A 162 -23.58 -20.73 21.16
C VAL A 162 -23.29 -20.33 19.71
N THR A 163 -23.27 -19.02 19.49
CA THR A 163 -22.99 -18.43 18.21
C THR A 163 -21.62 -17.75 18.30
N ILE A 164 -20.72 -18.08 17.37
CA ILE A 164 -19.37 -17.53 17.40
C ILE A 164 -19.04 -16.96 16.03
N THR A 165 -18.51 -15.74 16.07
CA THR A 165 -18.03 -15.03 14.91
C THR A 165 -16.52 -15.06 14.92
N ILE A 166 -15.95 -15.56 13.81
CA ILE A 166 -14.54 -15.93 13.73
C ILE A 166 -13.93 -15.28 12.49
N MET A 167 -12.62 -15.03 12.54
CA MET A 167 -11.90 -14.36 11.48
C MET A 167 -10.60 -15.12 11.29
N PRO A 168 -10.16 -15.38 10.03
CA PRO A 168 -8.82 -15.93 9.78
C PRO A 168 -7.68 -15.15 10.43
N ALA A 169 -6.79 -15.84 11.15
CA ALA A 169 -5.81 -15.16 11.97
C ALA A 169 -4.95 -14.22 11.14
N PHE A 170 -4.52 -14.64 9.95
N PHE A 170 -4.55 -14.63 9.92
CA PHE A 170 -3.66 -13.77 9.14
CA PHE A 170 -3.68 -13.80 9.10
C PHE A 170 -4.40 -12.44 8.92
C PHE A 170 -4.38 -12.48 8.78
N ILE A 171 -5.72 -12.49 8.70
CA ILE A 171 -6.46 -11.27 8.48
C ILE A 171 -6.59 -10.49 9.79
N PHE A 172 -6.98 -11.19 10.86
CA PHE A 172 -7.12 -10.58 12.17
C PHE A 172 -5.86 -9.85 12.63
N GLU A 173 -4.71 -10.52 12.46
CA GLU A 173 -3.41 -9.99 12.86
C GLU A 173 -3.01 -8.78 12.02
N HIS A 174 -3.44 -8.76 10.76
CA HIS A 174 -3.19 -7.60 9.91
C HIS A 174 -4.02 -6.42 10.40
N ILE A 175 -5.24 -6.66 10.89
CA ILE A 175 -6.15 -5.58 11.29
C ILE A 175 -5.69 -4.92 12.58
N ILE A 176 -5.36 -5.72 13.59
CA ILE A 176 -4.97 -5.18 14.89
C ILE A 176 -3.57 -4.57 14.89
N LYS A 177 -2.68 -4.94 13.97
CA LYS A 177 -1.32 -4.40 13.93
C LYS A 177 -1.34 -2.89 14.20
N ARG A 178 -0.40 -2.41 15.03
CA ARG A 178 -0.20 -0.99 15.35
C ARG A 178 -1.24 -0.52 16.38
N MET A 179 -1.77 -1.45 17.18
CA MET A 179 -2.70 -1.12 18.25
C MET A 179 -2.24 -1.81 19.53
N ALA A 180 -1.83 -0.99 20.52
CA ALA A 180 -1.32 -1.51 21.79
C ALA A 180 -2.42 -2.36 22.44
N PRO A 181 -2.13 -3.62 22.87
CA PRO A 181 -3.15 -4.55 23.36
C PRO A 181 -4.02 -4.11 24.53
N SER A 182 -3.53 -3.14 25.32
CA SER A 182 -4.26 -2.56 26.44
C SER A 182 -5.47 -1.78 25.94
N ILE A 183 -5.29 -1.11 24.79
CA ILE A 183 -6.35 -0.32 24.20
C ILE A 183 -7.52 -1.26 23.88
N MET A 184 -7.18 -2.45 23.35
CA MET A 184 -8.15 -3.46 22.92
C MET A 184 -8.88 -4.05 24.13
N LYS A 185 -8.15 -4.34 25.21
CA LYS A 185 -8.72 -4.82 26.45
C LYS A 185 -9.62 -3.74 27.07
N SER A 186 -9.16 -2.48 27.03
CA SER A 186 -9.76 -1.39 27.81
C SER A 186 -10.80 -0.61 27.02
N LEU A 187 -10.65 -0.49 25.70
CA LEU A 187 -11.43 0.50 24.97
C LEU A 187 -12.43 -0.13 24.00
N MET A 188 -12.00 -1.17 23.26
CA MET A 188 -12.91 -1.93 22.41
C MET A 188 -14.18 -2.22 23.19
N ASP A 189 -15.30 -1.79 22.62
CA ASP A 189 -16.61 -2.02 23.20
C ASP A 189 -16.85 -3.52 23.30
N HIS A 190 -17.18 -4.02 24.50
CA HIS A 190 -17.44 -5.43 24.70
C HIS A 190 -18.83 -5.63 25.28
N THR A 191 -19.79 -4.79 24.87
CA THR A 191 -21.11 -4.78 25.46
C THR A 191 -22.13 -5.33 24.48
N ILE A 192 -23.21 -5.87 25.05
CA ILE A 192 -24.41 -6.24 24.30
C ILE A 192 -25.05 -4.94 23.83
N PRO A 193 -25.48 -4.82 22.55
CA PRO A 193 -26.18 -3.63 22.06
C PRO A 193 -27.46 -3.18 22.76
N GLU A 194 -27.69 -1.86 22.71
CA GLU A 194 -28.82 -1.20 23.36
C GLU A 194 -30.05 -1.30 22.46
N VAL A 195 -31.26 -1.31 23.06
CA VAL A 195 -32.51 -1.27 22.30
C VAL A 195 -33.39 -0.13 22.80
N ALA B 3 7.65 32.78 17.35
CA ALA B 3 8.96 32.58 18.02
C ALA B 3 8.86 32.90 19.52
N GLU B 4 8.16 34.00 19.87
CA GLU B 4 8.07 34.49 21.25
C GLU B 4 7.38 33.44 22.14
N ILE B 5 7.75 33.41 23.43
CA ILE B 5 7.21 32.46 24.40
C ILE B 5 5.79 32.88 24.78
N LYS B 6 4.79 32.07 24.37
CA LYS B 6 3.38 32.31 24.71
C LYS B 6 3.24 32.27 26.22
N GLN B 7 2.59 33.29 26.77
CA GLN B 7 2.28 33.31 28.19
C GLN B 7 1.16 32.31 28.48
N GLY B 8 1.13 31.77 29.71
CA GLY B 8 0.05 30.92 30.16
C GLY B 8 -0.06 29.60 29.38
N ILE B 9 -1.31 29.14 29.22
CA ILE B 9 -1.59 27.74 28.96
C ILE B 9 -2.43 27.61 27.69
N ARG B 10 -2.06 26.68 26.79
CA ARG B 10 -2.89 26.37 25.65
C ARG B 10 -3.23 24.87 25.63
N GLU B 11 -4.19 24.51 24.79
CA GLU B 11 -4.72 23.16 24.66
C GLU B 11 -4.48 22.67 23.24
N VAL B 12 -3.88 21.48 23.11
CA VAL B 12 -3.59 20.92 21.78
C VAL B 12 -4.30 19.57 21.67
N ILE B 13 -4.64 19.20 20.42
CA ILE B 13 -5.44 18.03 20.18
C ILE B 13 -4.73 17.14 19.17
N LEU B 14 -4.29 15.97 19.63
CA LEU B 14 -3.49 15.09 18.80
C LEU B 14 -4.26 13.83 18.46
N CYS B 15 -3.73 13.15 17.46
CA CYS B 15 -4.28 11.95 16.88
C CYS B 15 -3.12 11.05 16.52
N LYS B 16 -3.07 9.85 17.11
CA LYS B 16 -2.06 8.88 16.74
C LYS B 16 -2.11 8.65 15.23
N ASP B 17 -0.93 8.53 14.62
CA ASP B 17 -0.79 8.12 13.22
C ASP B 17 -1.13 6.63 13.16
N GLN B 18 -1.02 6.03 11.96
CA GLN B 18 -1.46 4.67 11.71
C GLN B 18 -0.47 3.64 12.27
N ASP B 19 0.66 4.12 12.79
CA ASP B 19 1.62 3.28 13.50
C ASP B 19 1.37 3.33 15.02
N GLY B 20 0.40 4.11 15.50
CA GLY B 20 0.11 4.21 16.93
C GLY B 20 0.99 5.23 17.67
N LYS B 21 1.63 6.13 16.91
CA LYS B 21 2.63 7.03 17.48
C LYS B 21 2.19 8.48 17.40
N ILE B 22 2.74 9.30 18.30
CA ILE B 22 2.48 10.73 18.34
C ILE B 22 3.74 11.47 17.92
N GLY B 23 4.89 10.83 18.16
CA GLY B 23 6.18 11.39 17.84
C GLY B 23 6.68 12.33 18.93
N LEU B 24 6.49 11.90 20.18
CA LEU B 24 7.00 12.65 21.31
C LEU B 24 7.90 11.76 22.14
N ARG B 25 8.85 12.40 22.81
CA ARG B 25 9.43 11.79 23.99
C ARG B 25 9.30 12.80 25.12
N LEU B 26 8.87 12.29 26.29
CA LEU B 26 8.53 13.10 27.45
C LEU B 26 9.50 12.75 28.57
N LYS B 27 9.80 13.75 29.42
CA LYS B 27 10.79 13.62 30.48
C LYS B 27 10.31 14.34 31.74
N SER B 28 10.48 13.64 32.88
CA SER B 28 10.21 14.18 34.20
C SER B 28 11.30 15.16 34.63
N ILE B 29 10.88 16.36 35.04
CA ILE B 29 11.78 17.43 35.46
C ILE B 29 11.12 18.24 36.59
N ASP B 30 11.71 18.14 37.78
CA ASP B 30 11.25 18.90 38.93
C ASP B 30 9.74 18.71 39.11
N ASN B 31 9.28 17.46 39.01
CA ASN B 31 7.91 17.00 39.23
C ASN B 31 6.90 17.56 38.23
N GLY B 32 7.40 18.02 37.07
CA GLY B 32 6.55 18.21 35.91
C GLY B 32 7.03 17.29 34.78
N ILE B 33 6.30 17.34 33.65
CA ILE B 33 6.60 16.55 32.46
C ILE B 33 6.90 17.51 31.30
N PHE B 34 8.01 17.27 30.60
CA PHE B 34 8.47 18.11 29.50
C PHE B 34 8.87 17.30 28.26
N VAL B 35 8.80 17.95 27.10
CA VAL B 35 9.02 17.31 25.82
C VAL B 35 10.52 17.33 25.58
N GLN B 36 11.14 16.14 25.46
CA GLN B 36 12.56 16.06 25.14
C GLN B 36 12.80 15.74 23.65
N LEU B 37 11.75 15.47 22.86
CA LEU B 37 11.87 15.16 21.45
C LEU B 37 10.51 15.30 20.77
N VAL B 38 10.47 16.03 19.65
CA VAL B 38 9.39 15.99 18.67
C VAL B 38 9.98 15.48 17.37
N GLN B 39 9.30 14.56 16.69
CA GLN B 39 9.77 14.03 15.40
C GLN B 39 9.19 14.82 14.24
N ALA B 40 9.94 14.93 13.13
CA ALA B 40 9.41 15.60 11.95
C ALA B 40 8.24 14.79 11.41
N ASN B 41 7.26 15.51 10.84
CA ASN B 41 6.18 14.87 10.11
C ASN B 41 5.43 13.96 11.06
N SER B 42 5.20 14.46 12.27
CA SER B 42 4.52 13.68 13.30
C SER B 42 3.26 14.43 13.71
N PRO B 43 2.25 13.73 14.30
CA PRO B 43 1.07 14.41 14.81
C PRO B 43 1.46 15.58 15.69
N ALA B 44 2.56 15.39 16.44
CA ALA B 44 3.00 16.36 17.44
C ALA B 44 3.64 17.57 16.77
N SER B 45 4.46 17.36 15.73
CA SER B 45 5.01 18.47 14.97
C SER B 45 3.85 19.32 14.43
N LEU B 46 2.93 18.64 13.75
CA LEU B 46 1.86 19.29 13.01
C LEU B 46 1.00 20.17 13.90
N VAL B 47 0.80 19.79 15.17
CA VAL B 47 -0.03 20.60 16.07
C VAL B 47 0.79 21.68 16.73
N GLY B 48 2.12 21.61 16.62
CA GLY B 48 2.99 22.71 17.03
C GLY B 48 3.63 22.49 18.39
N LEU B 49 3.73 21.22 18.81
CA LEU B 49 4.46 20.93 20.04
C LEU B 49 5.94 21.13 19.80
N ARG B 50 6.64 21.61 20.84
CA ARG B 50 8.06 21.93 20.71
C ARG B 50 8.88 21.41 21.90
N PHE B 51 10.16 21.24 21.62
CA PHE B 51 11.12 20.86 22.62
C PHE B 51 11.05 21.87 23.77
N GLY B 52 10.89 21.36 24.99
CA GLY B 52 10.87 22.23 26.13
C GLY B 52 9.46 22.54 26.61
N ASP B 53 8.45 22.29 25.76
CA ASP B 53 7.08 22.45 26.18
C ASP B 53 6.88 21.66 27.49
N GLN B 54 6.08 22.23 28.38
CA GLN B 54 5.61 21.53 29.56
C GLN B 54 4.22 20.94 29.29
N VAL B 55 4.00 19.69 29.69
CA VAL B 55 2.71 19.07 29.57
C VAL B 55 2.11 19.03 30.97
N LEU B 56 1.04 19.82 31.15
CA LEU B 56 0.36 19.92 32.43
C LEU B 56 -0.60 18.74 32.58
N GLN B 57 -1.26 18.38 31.48
CA GLN B 57 -2.29 17.35 31.52
C GLN B 57 -2.35 16.59 30.18
N ILE B 58 -2.64 15.28 30.27
CA ILE B 58 -2.95 14.44 29.13
C ILE B 58 -4.34 13.86 29.35
N ASN B 59 -5.26 14.19 28.45
CA ASN B 59 -6.65 13.79 28.56
C ASN B 59 -7.23 14.17 29.93
N GLY B 60 -6.87 15.33 30.48
CA GLY B 60 -7.51 15.87 31.67
C GLY B 60 -6.92 15.32 32.97
N GLU B 61 -5.91 14.45 32.86
CA GLU B 61 -5.18 13.97 34.04
C GLU B 61 -3.96 14.85 34.22
N ASN B 62 -3.55 15.10 35.47
CA ASN B 62 -2.44 15.98 35.77
C ASN B 62 -1.13 15.19 35.69
N CYS B 63 -0.10 15.76 35.07
CA CYS B 63 1.18 15.09 34.90
C CYS B 63 2.10 15.24 36.12
N ALA B 64 1.71 16.14 37.03
CA ALA B 64 2.40 16.40 38.28
C ALA B 64 2.80 15.11 38.96
N GLY B 65 4.11 14.92 39.15
CA GLY B 65 4.67 13.77 39.85
C GLY B 65 5.05 12.61 38.92
N TRP B 66 4.45 12.54 37.73
CA TRP B 66 4.67 11.39 36.88
C TRP B 66 6.12 11.23 36.57
N SER B 67 6.58 9.98 36.53
CA SER B 67 7.87 9.65 35.94
C SER B 67 7.74 9.65 34.41
N SER B 68 8.87 9.59 33.74
CA SER B 68 8.94 9.50 32.28
C SER B 68 8.17 8.29 31.79
N ASP B 69 8.33 7.13 32.48
CA ASP B 69 7.78 5.87 32.00
C ASP B 69 6.27 5.86 32.19
N LYS B 70 5.80 6.47 33.26
CA LYS B 70 4.36 6.60 33.44
C LYS B 70 3.75 7.45 32.33
N ALA B 71 4.48 8.46 31.88
CA ALA B 71 3.91 9.39 30.93
C ALA B 71 3.83 8.72 29.56
N HIS B 72 4.94 8.08 29.18
CA HIS B 72 5.01 7.26 27.99
C HIS B 72 4.02 6.11 28.02
N LYS B 73 3.80 5.51 29.20
CA LYS B 73 2.83 4.45 29.29
C LYS B 73 1.44 5.00 29.01
N VAL B 74 1.12 6.18 29.54
CA VAL B 74 -0.20 6.77 29.34
C VAL B 74 -0.49 7.08 27.85
N LEU B 75 0.55 7.44 27.10
CA LEU B 75 0.38 7.74 25.69
C LEU B 75 0.27 6.45 24.85
N LYS B 76 0.93 5.38 25.30
CA LYS B 76 0.83 4.09 24.66
C LYS B 76 -0.59 3.55 24.79
N GLN B 77 -1.27 3.90 25.90
CA GLN B 77 -2.55 3.32 26.22
C GLN B 77 -3.69 4.19 25.73
N ALA B 78 -3.41 5.41 25.25
CA ALA B 78 -4.48 6.33 24.86
C ALA B 78 -5.14 5.88 23.56
N PHE B 79 -6.45 6.03 23.46
CA PHE B 79 -7.10 5.88 22.16
C PHE B 79 -6.57 6.96 21.23
N GLY B 80 -6.22 6.58 20.00
CA GLY B 80 -5.51 7.43 19.08
C GLY B 80 -6.37 8.49 18.37
N GLU B 81 -7.69 8.52 18.62
CA GLU B 81 -8.58 9.39 17.89
C GLU B 81 -8.41 10.85 18.31
N LYS B 82 -8.57 11.15 19.60
CA LYS B 82 -8.32 12.50 20.09
C LYS B 82 -7.67 12.45 21.48
N ILE B 83 -6.39 12.80 21.53
CA ILE B 83 -5.63 12.95 22.75
C ILE B 83 -5.52 14.45 23.01
N THR B 84 -6.06 14.93 24.14
CA THR B 84 -5.92 16.34 24.48
C THR B 84 -4.78 16.50 25.47
N MET B 85 -3.91 17.46 25.18
CA MET B 85 -2.88 17.87 26.10
C MET B 85 -3.04 19.36 26.41
N THR B 86 -2.72 19.73 27.65
CA THR B 86 -2.66 21.11 28.06
C THR B 86 -1.19 21.47 28.19
N ILE B 87 -0.76 22.57 27.56
CA ILE B 87 0.64 22.96 27.38
C ILE B 87 0.91 24.31 28.02
N ARG B 88 2.04 24.42 28.73
CA ARG B 88 2.72 25.69 28.93
C ARG B 88 3.85 25.73 27.92
N ASP B 89 4.08 26.92 27.30
CA ASP B 89 4.96 27.05 26.14
C ASP B 89 6.39 27.18 26.65
N ARG B 90 7.27 26.30 26.17
CA ARG B 90 8.70 26.29 26.47
C ARG B 90 9.08 27.13 27.69
N PRO B 91 8.60 26.78 28.92
CA PRO B 91 8.84 27.59 30.10
C PRO B 91 10.27 27.75 30.60
N PHE B 92 11.19 26.83 30.25
CA PHE B 92 12.56 26.98 30.72
C PHE B 92 13.37 27.86 29.75
N GLU B 93 12.75 28.30 28.64
CA GLU B 93 13.42 29.00 27.55
C GLU B 93 13.09 30.49 27.55
N ARG B 94 13.80 31.27 26.70
CA ARG B 94 13.43 32.63 26.34
C ARG B 94 13.94 32.93 24.93
N THR B 95 13.39 33.94 24.26
CA THR B 95 13.88 34.33 22.95
C THR B 95 14.56 35.69 23.02
N ILE B 96 15.52 35.88 22.10
CA ILE B 96 16.36 37.08 21.98
C ILE B 96 16.41 37.42 20.50
N THR B 97 16.03 38.66 20.14
CA THR B 97 16.07 39.11 18.76
C THR B 97 17.28 40.02 18.59
N MET B 98 18.09 39.76 17.56
CA MET B 98 19.32 40.49 17.31
C MET B 98 19.43 40.71 15.80
N HIS B 99 20.33 41.62 15.37
CA HIS B 99 20.44 42.01 13.96
C HIS B 99 21.87 41.85 13.44
N LYS B 100 22.05 41.03 12.39
CA LYS B 100 23.37 40.85 11.81
C LYS B 100 23.91 42.25 11.46
N ASP B 101 25.25 42.42 11.47
CA ASP B 101 25.91 43.70 11.19
C ASP B 101 26.54 43.61 9.80
N SER B 102 27.29 44.64 9.37
CA SER B 102 27.94 44.63 8.06
C SER B 102 28.47 43.23 7.73
N THR B 103 29.23 42.67 8.67
CA THR B 103 29.89 41.38 8.52
C THR B 103 28.90 40.23 8.69
N GLY B 104 27.69 40.54 9.16
CA GLY B 104 26.62 39.57 9.17
C GLY B 104 26.72 38.68 10.40
N HIS B 105 27.25 39.28 11.47
CA HIS B 105 27.48 38.64 12.75
C HIS B 105 26.59 39.30 13.78
N VAL B 106 26.08 38.51 14.74
CA VAL B 106 25.25 39.03 15.82
C VAL B 106 26.10 39.20 17.08
N GLY B 107 27.07 38.28 17.27
CA GLY B 107 28.22 38.58 18.12
C GLY B 107 28.36 37.66 19.32
N PHE B 108 28.43 36.36 19.04
CA PHE B 108 28.82 35.46 20.11
C PHE B 108 29.61 34.30 19.52
N ILE B 109 30.33 33.66 20.44
CA ILE B 109 31.02 32.41 20.21
C ILE B 109 30.19 31.33 20.88
N PHE B 110 29.95 30.22 20.19
CA PHE B 110 29.36 29.05 20.83
C PHE B 110 30.19 27.81 20.50
N LYS B 111 29.90 26.69 21.19
CA LYS B 111 30.56 25.41 21.00
C LYS B 111 29.61 24.31 21.49
N ASN B 112 29.48 23.22 20.77
CA ASN B 112 28.44 22.21 20.99
C ASN B 112 27.11 22.87 21.34
N GLY B 113 26.73 23.90 20.57
CA GLY B 113 25.46 24.56 20.77
C GLY B 113 25.34 25.40 22.05
N LYS B 114 26.44 25.54 22.82
CA LYS B 114 26.38 26.36 24.02
C LYS B 114 27.15 27.65 23.79
N ILE B 115 26.49 28.76 24.13
CA ILE B 115 27.05 30.10 24.03
C ILE B 115 28.11 30.29 25.10
N THR B 116 29.32 30.69 24.67
CA THR B 116 30.46 30.68 25.58
C THR B 116 31.04 32.07 25.76
N SER B 117 30.79 32.97 24.81
CA SER B 117 31.41 34.27 24.82
C SER B 117 30.48 35.24 24.08
N ILE B 118 30.43 36.49 24.57
CA ILE B 118 29.60 37.54 24.02
C ILE B 118 30.54 38.59 23.44
N VAL B 119 30.47 38.83 22.13
CA VAL B 119 31.33 39.79 21.46
C VAL B 119 30.99 41.21 21.92
N LYS B 120 32.04 42.03 22.09
CA LYS B 120 31.92 43.40 22.56
C LYS B 120 31.21 44.25 21.51
N ASP B 121 30.29 45.11 21.99
CA ASP B 121 29.52 46.05 21.19
C ASP B 121 28.84 45.38 20.00
N SER B 122 28.23 44.21 20.24
CA SER B 122 27.49 43.48 19.23
C SER B 122 25.98 43.60 19.46
N SER B 123 25.18 43.23 18.46
CA SER B 123 23.76 43.02 18.67
C SER B 123 23.60 42.17 19.94
N ALA B 124 24.26 41.00 19.91
CA ALA B 124 24.23 40.03 21.00
C ALA B 124 24.44 40.74 22.32
N ALA B 125 25.41 41.64 22.38
CA ALA B 125 25.75 42.26 23.64
C ALA B 125 24.69 43.25 24.06
N ARG B 126 24.05 43.96 23.11
CA ARG B 126 23.08 44.96 23.56
C ARG B 126 21.78 44.24 23.98
N ASN B 127 21.33 43.25 23.20
CA ASN B 127 20.12 42.51 23.55
C ASN B 127 20.30 41.55 24.74
N GLY B 128 21.44 41.63 25.46
CA GLY B 128 21.63 41.05 26.80
C GLY B 128 21.87 39.53 26.85
N LEU B 129 22.29 38.94 25.72
CA LEU B 129 22.51 37.51 25.54
C LEU B 129 23.43 36.97 26.62
N LEU B 130 23.22 35.69 26.98
CA LEU B 130 23.89 35.10 28.13
C LEU B 130 24.73 33.90 27.68
N THR B 131 25.83 33.64 28.42
CA THR B 131 26.66 32.47 28.16
C THR B 131 26.07 31.30 28.94
N GLU B 132 26.67 30.12 28.78
CA GLU B 132 26.25 28.94 29.53
C GLU B 132 24.74 28.73 29.28
N HIS B 133 24.31 29.08 28.07
CA HIS B 133 22.97 28.84 27.60
C HIS B 133 23.09 28.11 26.27
N ASN B 134 22.37 26.98 26.16
CA ASN B 134 22.26 26.23 24.93
C ASN B 134 21.27 26.94 24.00
N ILE B 135 21.62 26.89 22.70
CA ILE B 135 20.78 27.32 21.60
C ILE B 135 19.76 26.24 21.27
N CYS B 136 18.46 26.58 21.35
CA CYS B 136 17.39 25.63 21.13
C CYS B 136 16.72 25.87 19.78
N GLU B 137 16.46 27.16 19.48
CA GLU B 137 15.85 27.54 18.23
C GLU B 137 16.51 28.80 17.67
N ILE B 138 16.61 28.83 16.34
CA ILE B 138 16.95 30.04 15.59
C ILE B 138 15.76 30.41 14.70
N ASN B 139 15.19 31.60 14.93
CA ASN B 139 14.02 32.03 14.18
C ASN B 139 12.92 30.97 14.24
N GLY B 140 12.67 30.48 15.46
CA GLY B 140 11.63 29.50 15.69
C GLY B 140 11.96 28.11 15.15
N GLN B 141 13.17 27.90 14.62
CA GLN B 141 13.53 26.63 14.03
C GLN B 141 14.42 25.88 15.00
N ASN B 142 14.05 24.63 15.28
CA ASN B 142 14.74 23.80 16.26
C ASN B 142 16.07 23.33 15.68
N VAL B 143 17.17 23.55 16.43
CA VAL B 143 18.50 23.16 15.98
C VAL B 143 19.21 22.27 17.02
N ILE B 144 18.45 21.55 17.83
CA ILE B 144 19.03 20.62 18.78
C ILE B 144 19.44 19.33 18.08
N GLY B 145 20.71 18.98 18.19
CA GLY B 145 21.22 17.82 17.48
C GLY B 145 22.05 18.20 16.25
N LEU B 146 21.88 19.43 15.74
CA LEU B 146 22.69 19.95 14.64
C LEU B 146 24.10 20.28 15.11
N LYS B 147 25.02 20.28 14.15
CA LYS B 147 26.43 20.51 14.42
C LYS B 147 26.71 22.01 14.39
N ASP B 148 27.78 22.43 15.04
CA ASP B 148 28.11 23.84 15.15
C ASP B 148 28.19 24.49 13.75
N SER B 149 28.65 23.75 12.75
CA SER B 149 28.69 24.29 11.39
C SER B 149 27.27 24.52 10.89
N GLN B 150 26.37 23.55 11.14
CA GLN B 150 24.99 23.62 10.70
C GLN B 150 24.26 24.80 11.35
N ILE B 151 24.48 25.00 12.64
CA ILE B 151 23.89 26.12 13.34
C ILE B 151 24.46 27.42 12.78
N ALA B 152 25.73 27.39 12.37
CA ALA B 152 26.37 28.59 11.84
C ALA B 152 25.85 28.88 10.44
N ASP B 153 25.54 27.85 9.64
CA ASP B 153 24.99 28.04 8.31
C ASP B 153 23.61 28.69 8.44
N ILE B 154 22.76 28.07 9.27
CA ILE B 154 21.42 28.57 9.51
C ILE B 154 21.47 30.02 10.00
N LEU B 155 22.43 30.37 10.86
CA LEU B 155 22.60 31.74 11.30
C LEU B 155 22.87 32.65 10.11
N SER B 156 23.63 32.13 9.14
CA SER B 156 24.01 32.89 7.96
C SER B 156 22.83 32.95 6.99
N THR B 157 22.41 31.80 6.44
CA THR B 157 21.39 31.75 5.41
C THR B 157 20.13 32.49 5.86
N SER B 158 19.99 32.71 7.17
CA SER B 158 18.83 33.40 7.72
C SER B 158 18.80 34.83 7.20
N GLY B 159 17.85 35.60 7.76
CA GLY B 159 17.70 37.00 7.44
C GLY B 159 18.79 37.81 8.12
N THR B 160 18.63 39.12 8.06
CA THR B 160 19.29 40.07 8.94
C THR B 160 18.77 39.92 10.35
N VAL B 161 17.47 39.61 10.45
CA VAL B 161 16.75 39.64 11.71
C VAL B 161 16.79 38.23 12.28
N VAL B 162 17.34 38.11 13.49
CA VAL B 162 17.73 36.82 14.01
C VAL B 162 17.22 36.71 15.45
N THR B 163 16.36 35.73 15.70
CA THR B 163 15.82 35.46 17.01
C THR B 163 16.33 34.11 17.48
N ILE B 164 17.00 34.11 18.63
CA ILE B 164 17.57 32.92 19.24
C ILE B 164 16.70 32.54 20.43
N THR B 165 16.30 31.26 20.52
CA THR B 165 15.70 30.72 21.74
C THR B 165 16.75 29.93 22.54
N ILE B 166 16.97 30.32 23.79
CA ILE B 166 18.06 29.77 24.59
C ILE B 166 17.48 29.18 25.87
N MET B 167 18.25 28.32 26.51
CA MET B 167 17.88 27.66 27.76
C MET B 167 19.17 27.51 28.57
N PRO B 168 19.12 27.75 29.90
CA PRO B 168 20.27 27.45 30.76
C PRO B 168 20.76 26.02 30.56
N ALA B 169 22.09 25.89 30.47
CA ALA B 169 22.76 24.67 30.06
C ALA B 169 22.45 23.55 31.03
N PHE B 170 22.42 23.85 32.33
N PHE B 170 22.45 23.83 32.33
CA PHE B 170 22.16 22.84 33.34
CA PHE B 170 22.18 22.78 33.31
C PHE B 170 20.80 22.18 33.12
C PHE B 170 20.81 22.16 33.07
N ILE B 171 19.80 22.97 32.70
CA ILE B 171 18.46 22.47 32.49
C ILE B 171 18.42 21.70 31.17
N PHE B 172 19.09 22.26 30.15
CA PHE B 172 19.19 21.57 28.88
C PHE B 172 19.85 20.19 29.01
N GLU B 173 20.98 20.10 29.73
CA GLU B 173 21.67 18.84 29.95
C GLU B 173 20.78 17.85 30.72
N HIS B 174 19.95 18.34 31.67
CA HIS B 174 19.01 17.48 32.39
C HIS B 174 17.89 16.94 31.47
N ILE B 175 17.37 17.80 30.58
CA ILE B 175 16.23 17.43 29.76
C ILE B 175 16.63 16.37 28.73
N ILE B 176 17.87 16.40 28.23
CA ILE B 176 18.28 15.48 27.17
C ILE B 176 18.75 14.15 27.76
N LYS B 177 18.78 14.02 29.11
CA LYS B 177 19.13 12.77 29.77
C LYS B 177 18.09 11.68 29.48
N ARG B 178 18.57 10.42 29.54
CA ARG B 178 17.82 9.23 29.16
C ARG B 178 17.47 9.27 27.67
N MET B 179 18.36 9.76 26.80
CA MET B 179 18.04 9.77 25.38
C MET B 179 19.35 9.64 24.61
N ALA B 180 19.47 8.54 23.86
CA ALA B 180 20.65 8.25 23.06
C ALA B 180 20.86 9.36 22.01
N PRO B 181 22.01 10.06 22.02
CA PRO B 181 22.26 11.14 21.07
C PRO B 181 22.26 10.85 19.57
N SER B 182 22.03 9.60 19.16
CA SER B 182 21.87 9.27 17.75
C SER B 182 20.40 9.46 17.34
N ILE B 183 19.50 9.17 18.30
CA ILE B 183 18.07 9.46 18.24
C ILE B 183 17.87 10.98 18.11
N MET B 184 18.42 11.72 19.08
CA MET B 184 18.28 13.16 19.14
C MET B 184 18.87 13.79 17.88
N LYS B 185 20.00 13.24 17.44
CA LYS B 185 20.71 13.79 16.28
C LYS B 185 19.91 13.52 14.99
N SER B 186 19.14 12.43 14.96
CA SER B 186 18.53 11.98 13.72
C SER B 186 17.03 12.28 13.70
N LEU B 187 16.37 12.21 14.87
CA LEU B 187 14.91 12.27 14.93
C LEU B 187 14.39 13.66 15.30
N MET B 188 15.19 14.52 15.95
CA MET B 188 14.62 15.80 16.35
C MET B 188 14.03 16.48 15.12
N ASP B 189 12.87 17.12 15.29
CA ASP B 189 12.19 17.90 14.27
C ASP B 189 12.95 19.20 14.04
N HIS B 190 13.28 19.53 12.78
CA HIS B 190 13.96 20.77 12.43
C HIS B 190 13.18 21.55 11.38
N THR B 191 11.87 21.30 11.31
CA THR B 191 10.95 22.03 10.44
C THR B 191 11.10 23.52 10.60
N ILE B 192 11.09 24.24 9.49
CA ILE B 192 11.01 25.69 9.53
C ILE B 192 9.53 26.04 9.78
N PRO B 193 9.22 26.97 10.71
CA PRO B 193 7.85 27.42 10.95
C PRO B 193 7.13 27.78 9.65
N GLU B 194 5.94 27.16 9.49
CA GLU B 194 4.99 27.42 8.43
C GLU B 194 3.98 28.45 8.93
N VAL B 195 3.21 29.06 8.00
CA VAL B 195 2.10 29.90 8.43
C VAL B 195 0.80 29.35 7.84
N ALA C 3 -24.71 -18.36 -7.73
CA ALA C 3 -23.57 -17.42 -7.58
C ALA C 3 -23.50 -16.94 -6.12
N GLU C 4 -24.56 -16.29 -5.62
CA GLU C 4 -24.55 -15.69 -4.30
C GLU C 4 -24.36 -16.83 -3.28
N ILE C 5 -23.55 -16.59 -2.25
CA ILE C 5 -23.15 -17.67 -1.35
C ILE C 5 -24.26 -17.92 -0.32
N LYS C 6 -24.69 -19.18 -0.21
CA LYS C 6 -25.64 -19.65 0.79
C LYS C 6 -24.97 -19.74 2.15
N GLN C 7 -25.69 -19.32 3.20
CA GLN C 7 -25.34 -19.64 4.58
C GLN C 7 -25.92 -21.01 4.89
N GLY C 8 -25.54 -21.60 6.02
CA GLY C 8 -26.01 -22.92 6.42
C GLY C 8 -25.26 -24.06 5.72
N ILE C 9 -25.88 -25.24 5.80
CA ILE C 9 -25.29 -26.51 5.43
C ILE C 9 -26.33 -27.30 4.64
N ARG C 10 -25.90 -28.02 3.59
CA ARG C 10 -26.82 -28.89 2.88
C ARG C 10 -26.21 -30.28 2.69
N GLU C 11 -27.08 -31.27 2.44
CA GLU C 11 -26.62 -32.63 2.23
C GLU C 11 -26.63 -32.91 0.74
N VAL C 12 -25.60 -33.58 0.21
CA VAL C 12 -25.65 -34.06 -1.17
C VAL C 12 -25.48 -35.58 -1.16
N ILE C 13 -26.12 -36.25 -2.12
CA ILE C 13 -25.99 -37.70 -2.25
C ILE C 13 -25.38 -37.97 -3.63
N LEU C 14 -24.35 -38.82 -3.67
CA LEU C 14 -23.59 -39.08 -4.89
C LEU C 14 -23.53 -40.58 -5.15
N CYS C 15 -23.41 -40.94 -6.43
CA CYS C 15 -22.92 -42.26 -6.81
C CYS C 15 -21.65 -42.09 -7.65
N LYS C 16 -20.75 -43.07 -7.54
CA LYS C 16 -19.54 -43.11 -8.35
C LYS C 16 -19.90 -43.46 -9.79
N ASP C 17 -19.22 -42.82 -10.74
CA ASP C 17 -19.42 -43.05 -12.17
C ASP C 17 -18.83 -44.40 -12.57
N GLN C 18 -18.81 -44.65 -13.88
CA GLN C 18 -18.42 -45.94 -14.42
C GLN C 18 -16.97 -46.27 -14.11
N ASP C 19 -16.14 -45.23 -14.00
CA ASP C 19 -14.74 -45.38 -13.64
C ASP C 19 -14.53 -45.36 -12.11
N GLY C 20 -15.59 -45.48 -11.31
CA GLY C 20 -15.49 -45.51 -9.85
C GLY C 20 -15.05 -44.19 -9.20
N LYS C 21 -15.18 -43.08 -9.93
CA LYS C 21 -14.79 -41.76 -9.47
C LYS C 21 -16.05 -40.93 -9.19
N ILE C 22 -15.94 -39.96 -8.25
CA ILE C 22 -16.94 -38.92 -8.09
C ILE C 22 -16.41 -37.61 -8.66
N GLY C 23 -15.10 -37.45 -8.75
CA GLY C 23 -14.54 -36.38 -9.54
C GLY C 23 -14.04 -35.17 -8.76
N LEU C 24 -13.59 -35.39 -7.51
CA LEU C 24 -13.13 -34.35 -6.60
C LEU C 24 -11.64 -34.53 -6.32
N ARG C 25 -10.97 -33.39 -6.07
CA ARG C 25 -9.79 -33.37 -5.20
C ARG C 25 -10.07 -32.49 -3.98
N LEU C 26 -9.76 -33.04 -2.80
CA LEU C 26 -9.97 -32.44 -1.48
C LEU C 26 -8.67 -32.02 -0.81
N LYS C 27 -8.76 -31.09 0.16
CA LYS C 27 -7.60 -30.41 0.72
C LYS C 27 -7.87 -29.98 2.17
N SER C 28 -6.89 -30.28 3.05
CA SER C 28 -6.92 -29.92 4.46
C SER C 28 -6.61 -28.45 4.62
N ILE C 29 -7.48 -27.70 5.30
CA ILE C 29 -7.25 -26.29 5.57
C ILE C 29 -7.80 -25.97 6.96
N ASP C 30 -6.92 -25.56 7.90
CA ASP C 30 -7.36 -25.06 9.21
C ASP C 30 -8.23 -26.12 9.88
N ASN C 31 -7.81 -27.38 9.73
CA ASN C 31 -8.48 -28.55 10.28
C ASN C 31 -9.87 -28.72 9.72
N GLY C 32 -10.10 -28.17 8.53
CA GLY C 32 -11.29 -28.51 7.76
C GLY C 32 -10.92 -29.21 6.45
N ILE C 33 -11.94 -29.73 5.74
CA ILE C 33 -11.73 -30.28 4.41
C ILE C 33 -12.51 -29.48 3.37
N PHE C 34 -11.81 -29.19 2.27
CA PHE C 34 -12.25 -28.29 1.22
C PHE C 34 -11.95 -28.87 -0.15
N VAL C 35 -12.81 -28.50 -1.11
CA VAL C 35 -12.70 -28.89 -2.50
C VAL C 35 -11.66 -28.02 -3.18
N GLN C 36 -10.54 -28.62 -3.59
CA GLN C 36 -9.53 -27.87 -4.33
C GLN C 36 -9.74 -28.08 -5.83
N LEU C 37 -10.52 -29.08 -6.23
CA LEU C 37 -10.87 -29.26 -7.63
C LEU C 37 -12.16 -30.07 -7.80
N VAL C 38 -13.01 -29.61 -8.73
CA VAL C 38 -14.14 -30.36 -9.25
C VAL C 38 -13.94 -30.58 -10.75
N GLN C 39 -14.21 -31.81 -11.21
CA GLN C 39 -14.11 -32.15 -12.63
C GLN C 39 -15.46 -31.97 -13.34
N ALA C 40 -15.43 -31.34 -14.53
CA ALA C 40 -16.61 -31.21 -15.37
C ALA C 40 -17.20 -32.57 -15.69
N ASN C 41 -18.52 -32.71 -15.53
N ASN C 41 -18.54 -32.63 -15.62
CA ASN C 41 -19.24 -33.91 -15.92
CA ASN C 41 -19.38 -33.81 -15.80
C ASN C 41 -19.08 -35.03 -14.90
C ASN C 41 -18.84 -35.00 -15.02
N SER C 42 -18.46 -34.73 -13.77
CA SER C 42 -18.34 -35.70 -12.70
C SER C 42 -19.66 -35.77 -11.97
N PRO C 43 -19.97 -36.85 -11.22
CA PRO C 43 -21.01 -36.83 -10.21
C PRO C 43 -20.94 -35.64 -9.26
N ALA C 44 -19.73 -35.13 -9.00
CA ALA C 44 -19.51 -33.98 -8.13
C ALA C 44 -20.16 -32.74 -8.72
N SER C 45 -19.80 -32.43 -9.97
CA SER C 45 -20.25 -31.21 -10.63
C SER C 45 -21.76 -31.24 -10.78
N LEU C 46 -22.28 -32.45 -11.03
CA LEU C 46 -23.67 -32.65 -11.36
C LEU C 46 -24.57 -32.38 -10.16
N VAL C 47 -24.14 -32.75 -8.94
CA VAL C 47 -24.97 -32.46 -7.76
C VAL C 47 -24.71 -31.04 -7.26
N GLY C 48 -23.73 -30.33 -7.82
CA GLY C 48 -23.54 -28.92 -7.50
C GLY C 48 -22.37 -28.58 -6.55
N LEU C 49 -21.41 -29.50 -6.35
CA LEU C 49 -20.21 -29.15 -5.59
C LEU C 49 -19.35 -28.22 -6.43
N ARG C 50 -18.76 -27.26 -5.73
CA ARG C 50 -17.97 -26.20 -6.31
C ARG C 50 -16.62 -26.13 -5.61
N PHE C 51 -15.64 -25.53 -6.32
CA PHE C 51 -14.34 -25.20 -5.77
C PHE C 51 -14.56 -24.37 -4.50
N GLY C 52 -13.91 -24.76 -3.41
CA GLY C 52 -13.90 -23.92 -2.22
C GLY C 52 -14.93 -24.34 -1.19
N ASP C 53 -15.78 -25.31 -1.56
CA ASP C 53 -16.77 -25.91 -0.68
C ASP C 53 -16.10 -26.62 0.50
N GLN C 54 -16.65 -26.45 1.72
CA GLN C 54 -16.19 -27.22 2.87
C GLN C 54 -17.03 -28.49 2.99
N VAL C 55 -16.37 -29.63 3.21
CA VAL C 55 -17.03 -30.89 3.50
C VAL C 55 -16.97 -31.15 5.01
N LEU C 56 -18.14 -31.20 5.66
CA LEU C 56 -18.18 -31.31 7.10
C LEU C 56 -18.27 -32.78 7.51
N GLN C 57 -19.05 -33.57 6.76
CA GLN C 57 -19.17 -35.01 6.99
C GLN C 57 -19.07 -35.74 5.65
N ILE C 58 -18.65 -37.02 5.71
CA ILE C 58 -18.80 -37.97 4.63
C ILE C 58 -19.37 -39.25 5.24
N ASN C 59 -20.47 -39.72 4.67
CA ASN C 59 -21.20 -40.86 5.16
C ASN C 59 -21.33 -40.81 6.68
N GLY C 60 -21.61 -39.61 7.20
CA GLY C 60 -22.10 -39.41 8.56
C GLY C 60 -20.98 -39.34 9.59
N GLU C 61 -19.75 -39.14 9.11
CA GLU C 61 -18.56 -39.06 9.95
C GLU C 61 -17.96 -37.68 9.74
N ASN C 62 -17.56 -37.00 10.83
CA ASN C 62 -17.04 -35.64 10.73
C ASN C 62 -15.68 -35.69 10.08
N CYS C 63 -15.39 -34.71 9.23
CA CYS C 63 -14.10 -34.62 8.54
C CYS C 63 -13.11 -33.73 9.28
N ALA C 64 -13.48 -33.20 10.47
CA ALA C 64 -12.62 -32.32 11.22
C ALA C 64 -11.27 -32.98 11.49
N GLY C 65 -10.19 -32.28 11.14
CA GLY C 65 -8.85 -32.75 11.44
C GLY C 65 -8.27 -33.75 10.45
N TRP C 66 -9.09 -34.22 9.49
CA TRP C 66 -8.61 -35.18 8.50
C TRP C 66 -7.51 -34.54 7.67
N SER C 67 -6.52 -35.35 7.31
CA SER C 67 -5.56 -34.96 6.30
C SER C 67 -6.18 -35.17 4.93
N SER C 68 -5.64 -34.48 3.93
CA SER C 68 -6.05 -34.63 2.54
C SER C 68 -6.12 -36.10 2.15
N ASP C 69 -5.04 -36.82 2.51
CA ASP C 69 -4.80 -38.22 2.16
C ASP C 69 -5.85 -39.11 2.79
N LYS C 70 -6.28 -38.78 4.01
CA LYS C 70 -7.27 -39.62 4.68
C LYS C 70 -8.65 -39.45 4.04
N ALA C 71 -8.93 -38.22 3.63
CA ALA C 71 -10.22 -37.89 3.03
C ALA C 71 -10.39 -38.66 1.71
N HIS C 72 -9.35 -38.61 0.86
CA HIS C 72 -9.33 -39.34 -0.40
C HIS C 72 -9.56 -40.84 -0.18
N LYS C 73 -8.92 -41.39 0.85
CA LYS C 73 -8.97 -42.83 1.11
C LYS C 73 -10.37 -43.25 1.56
N VAL C 74 -11.03 -42.37 2.31
CA VAL C 74 -12.36 -42.70 2.80
C VAL C 74 -13.27 -42.82 1.58
N LEU C 75 -13.15 -41.84 0.69
CA LEU C 75 -13.93 -41.81 -0.53
C LEU C 75 -13.55 -42.96 -1.48
N LYS C 76 -12.25 -43.32 -1.55
CA LYS C 76 -11.82 -44.38 -2.45
C LYS C 76 -12.41 -45.71 -1.99
N GLN C 77 -12.47 -45.88 -0.65
CA GLN C 77 -13.02 -47.09 -0.03
C GLN C 77 -14.54 -47.05 0.08
N ALA C 78 -15.16 -45.91 -0.24
CA ALA C 78 -16.59 -45.77 -0.12
C ALA C 78 -17.28 -46.55 -1.24
N PHE C 79 -17.79 -47.73 -0.87
CA PHE C 79 -18.52 -48.59 -1.79
C PHE C 79 -19.87 -48.92 -1.15
N GLY C 80 -20.66 -47.89 -0.88
CA GLY C 80 -22.01 -48.10 -0.42
C GLY C 80 -23.00 -48.00 -1.58
N GLU C 81 -24.29 -48.04 -1.24
CA GLU C 81 -25.36 -47.73 -2.19
C GLU C 81 -25.20 -46.28 -2.68
N LYS C 82 -24.90 -45.36 -1.74
CA LYS C 82 -24.68 -43.96 -2.06
C LYS C 82 -23.50 -43.43 -1.26
N ILE C 83 -23.07 -42.20 -1.60
CA ILE C 83 -22.16 -41.43 -0.78
C ILE C 83 -22.87 -40.14 -0.33
N THR C 84 -23.11 -40.01 0.99
CA THR C 84 -23.63 -38.78 1.58
C THR C 84 -22.50 -37.86 2.05
N MET C 85 -22.61 -36.56 1.73
CA MET C 85 -21.68 -35.53 2.17
C MET C 85 -22.49 -34.36 2.68
N THR C 86 -22.13 -33.84 3.86
CA THR C 86 -22.65 -32.58 4.38
C THR C 86 -21.73 -31.44 3.99
N ILE C 87 -22.29 -30.39 3.41
CA ILE C 87 -21.52 -29.32 2.79
C ILE C 87 -21.89 -27.98 3.40
N ARG C 88 -20.88 -27.10 3.52
CA ARG C 88 -21.07 -25.67 3.68
C ARG C 88 -20.46 -24.96 2.47
N ASP C 89 -21.22 -23.98 1.95
CA ASP C 89 -21.04 -23.46 0.62
C ASP C 89 -20.00 -22.35 0.63
N ARG C 90 -19.01 -22.52 -0.26
CA ARG C 90 -17.85 -21.68 -0.45
C ARG C 90 -17.57 -20.70 0.70
N PRO C 91 -17.25 -21.17 1.93
CA PRO C 91 -17.19 -20.28 3.11
C PRO C 91 -16.07 -19.27 3.13
N PHE C 92 -15.02 -19.49 2.31
CA PHE C 92 -13.91 -18.53 2.27
C PHE C 92 -14.13 -17.48 1.21
N GLU C 93 -15.27 -17.45 0.51
CA GLU C 93 -15.39 -16.46 -0.56
C GLU C 93 -16.67 -15.66 -0.42
N ARG C 94 -16.70 -14.53 -1.16
N ARG C 94 -16.72 -14.55 -1.18
CA ARG C 94 -17.77 -13.55 -1.17
CA ARG C 94 -17.82 -13.60 -1.15
C ARG C 94 -18.11 -13.23 -2.62
C ARG C 94 -18.10 -13.17 -2.59
N THR C 95 -19.35 -12.76 -2.87
CA THR C 95 -19.72 -12.22 -4.17
C THR C 95 -19.83 -10.70 -4.08
N ILE C 96 -19.45 -10.04 -5.19
CA ILE C 96 -19.53 -8.60 -5.36
C ILE C 96 -20.17 -8.33 -6.74
N THR C 97 -21.30 -7.61 -6.73
CA THR C 97 -21.97 -7.24 -7.97
C THR C 97 -21.69 -5.79 -8.34
N MET C 98 -21.26 -5.61 -9.59
CA MET C 98 -20.83 -4.33 -10.12
C MET C 98 -21.49 -4.09 -11.49
N HIS C 99 -21.48 -2.84 -11.92
CA HIS C 99 -22.15 -2.40 -13.12
C HIS C 99 -21.08 -1.75 -13.99
N LYS C 100 -20.96 -2.16 -15.26
CA LYS C 100 -19.96 -1.54 -16.11
C LYS C 100 -20.32 -0.08 -16.29
N ASP C 101 -19.32 0.78 -16.41
CA ASP C 101 -19.48 2.14 -16.89
C ASP C 101 -19.92 2.13 -18.35
N SER C 102 -19.76 3.26 -19.05
CA SER C 102 -20.21 3.38 -20.43
C SER C 102 -19.24 2.66 -21.38
N THR C 103 -17.95 2.64 -21.02
CA THR C 103 -16.92 2.07 -21.88
C THR C 103 -16.75 0.58 -21.60
N GLY C 104 -17.71 -0.03 -20.87
CA GLY C 104 -17.77 -1.47 -20.67
C GLY C 104 -16.77 -1.96 -19.63
N HIS C 105 -16.48 -1.10 -18.63
CA HIS C 105 -15.43 -1.32 -17.64
C HIS C 105 -16.03 -1.35 -16.24
N VAL C 106 -15.63 -2.35 -15.44
CA VAL C 106 -16.14 -2.54 -14.09
C VAL C 106 -15.29 -1.77 -13.09
N GLY C 107 -13.96 -1.93 -13.21
CA GLY C 107 -12.97 -0.98 -12.72
C GLY C 107 -11.84 -1.63 -11.93
N PHE C 108 -11.27 -2.74 -12.44
CA PHE C 108 -10.15 -3.35 -11.75
C PHE C 108 -9.15 -4.03 -12.70
N ILE C 109 -7.91 -4.11 -12.20
CA ILE C 109 -6.75 -4.68 -12.87
C ILE C 109 -6.43 -5.97 -12.15
N PHE C 110 -6.02 -6.99 -12.89
CA PHE C 110 -5.67 -8.27 -12.29
C PHE C 110 -4.58 -8.97 -13.10
N LYS C 111 -3.93 -9.94 -12.45
CA LYS C 111 -2.83 -10.68 -13.02
C LYS C 111 -2.79 -12.03 -12.34
N ASN C 112 -2.82 -13.10 -13.12
CA ASN C 112 -2.93 -14.46 -12.59
C ASN C 112 -4.27 -14.66 -11.91
N GLY C 113 -5.27 -13.82 -12.25
CA GLY C 113 -6.60 -13.92 -11.69
C GLY C 113 -6.70 -13.35 -10.27
N LYS C 114 -5.95 -12.27 -10.00
CA LYS C 114 -5.82 -11.66 -8.70
C LYS C 114 -5.91 -10.14 -8.85
N ILE C 115 -6.90 -9.52 -8.18
CA ILE C 115 -7.11 -8.10 -8.35
C ILE C 115 -5.90 -7.39 -7.78
N THR C 116 -5.36 -6.44 -8.57
CA THR C 116 -4.12 -5.77 -8.19
C THR C 116 -4.33 -4.27 -8.05
N SER C 117 -5.43 -3.73 -8.58
CA SER C 117 -5.74 -2.33 -8.36
C SER C 117 -7.21 -2.07 -8.71
N ILE C 118 -7.74 -0.99 -8.12
CA ILE C 118 -9.13 -0.56 -8.22
C ILE C 118 -9.13 0.87 -8.74
N VAL C 119 -9.92 1.14 -9.79
CA VAL C 119 -9.96 2.45 -10.43
C VAL C 119 -10.79 3.40 -9.57
N LYS C 120 -10.39 4.68 -9.52
CA LYS C 120 -11.16 5.67 -8.77
C LYS C 120 -12.47 5.98 -9.50
N ASP C 121 -13.56 6.04 -8.72
CA ASP C 121 -14.91 6.35 -9.17
C ASP C 121 -15.48 5.24 -10.08
N SER C 122 -14.95 4.02 -9.97
CA SER C 122 -15.55 2.89 -10.68
C SER C 122 -16.61 2.23 -9.82
N SER C 123 -17.31 1.25 -10.42
CA SER C 123 -18.25 0.40 -9.70
C SER C 123 -17.49 -0.54 -8.75
N ALA C 124 -16.26 -0.88 -9.14
CA ALA C 124 -15.39 -1.68 -8.30
C ALA C 124 -15.13 -0.93 -7.00
N ALA C 125 -14.73 0.34 -7.09
CA ALA C 125 -14.50 1.15 -5.91
C ALA C 125 -15.78 1.38 -5.09
N ARG C 126 -16.91 1.71 -5.75
CA ARG C 126 -18.19 1.98 -5.10
C ARG C 126 -18.67 0.78 -4.28
N ASN C 127 -18.39 -0.43 -4.76
CA ASN C 127 -18.79 -1.64 -4.07
C ASN C 127 -17.65 -2.24 -3.22
N GLY C 128 -16.57 -1.47 -2.98
CA GLY C 128 -15.47 -1.91 -2.13
C GLY C 128 -14.91 -3.29 -2.50
N LEU C 129 -14.67 -3.51 -3.81
CA LEU C 129 -13.86 -4.64 -4.25
C LEU C 129 -12.45 -4.50 -3.68
N LEU C 130 -11.86 -5.61 -3.28
CA LEU C 130 -10.56 -5.57 -2.66
C LEU C 130 -9.48 -6.08 -3.61
N THR C 131 -8.25 -5.57 -3.44
CA THR C 131 -7.06 -6.15 -4.08
C THR C 131 -6.60 -7.35 -3.25
N GLU C 132 -5.78 -8.23 -3.86
CA GLU C 132 -5.19 -9.35 -3.17
C GLU C 132 -6.25 -10.43 -2.92
N HIS C 133 -7.20 -10.48 -3.85
CA HIS C 133 -8.20 -11.51 -3.88
C HIS C 133 -8.06 -12.24 -5.22
N ASN C 134 -8.25 -13.55 -5.21
CA ASN C 134 -8.37 -14.32 -6.44
C ASN C 134 -9.82 -14.41 -6.90
N ILE C 135 -10.04 -14.10 -8.19
CA ILE C 135 -11.30 -14.33 -8.88
C ILE C 135 -11.52 -15.82 -9.00
N CYS C 136 -12.65 -16.26 -8.45
CA CYS C 136 -13.00 -17.66 -8.38
C CYS C 136 -14.10 -17.96 -9.38
N GLU C 137 -15.01 -16.99 -9.55
CA GLU C 137 -16.13 -17.20 -10.44
C GLU C 137 -16.52 -15.88 -11.05
N ILE C 138 -17.15 -15.96 -12.24
CA ILE C 138 -17.80 -14.83 -12.85
C ILE C 138 -19.21 -15.23 -13.21
N ASN C 139 -20.14 -14.37 -12.80
CA ASN C 139 -21.58 -14.64 -12.82
C ASN C 139 -21.82 -16.12 -12.61
N GLY C 140 -21.23 -16.68 -11.53
CA GLY C 140 -21.49 -18.05 -11.11
C GLY C 140 -20.62 -19.12 -11.77
N GLN C 141 -19.82 -18.72 -12.75
CA GLN C 141 -19.01 -19.65 -13.53
C GLN C 141 -17.58 -19.65 -12.99
N ASN C 142 -17.11 -20.82 -12.59
CA ASN C 142 -15.72 -21.08 -12.24
C ASN C 142 -14.78 -20.63 -13.34
N VAL C 143 -13.92 -19.63 -13.09
CA VAL C 143 -12.93 -19.27 -14.09
C VAL C 143 -11.52 -19.65 -13.62
N ILE C 144 -11.40 -20.65 -12.74
CA ILE C 144 -10.11 -20.90 -12.11
C ILE C 144 -9.21 -21.71 -13.03
N GLY C 145 -8.12 -21.05 -13.48
CA GLY C 145 -7.08 -21.67 -14.28
C GLY C 145 -6.94 -21.04 -15.68
N LEU C 146 -7.89 -20.20 -16.07
CA LEU C 146 -7.91 -19.56 -17.39
C LEU C 146 -7.01 -18.32 -17.33
N LYS C 147 -6.64 -17.76 -18.48
CA LYS C 147 -5.62 -16.72 -18.55
C LYS C 147 -6.23 -15.34 -18.38
N ASP C 148 -5.38 -14.38 -18.04
CA ASP C 148 -5.88 -13.04 -17.83
C ASP C 148 -6.68 -12.58 -19.05
N SER C 149 -6.26 -13.03 -20.25
CA SER C 149 -6.95 -12.69 -21.49
C SER C 149 -8.32 -13.37 -21.58
N GLN C 150 -8.40 -14.64 -21.18
CA GLN C 150 -9.66 -15.36 -21.21
C GLN C 150 -10.58 -14.74 -20.15
N ILE C 151 -10.17 -14.82 -18.89
CA ILE C 151 -10.94 -14.25 -17.82
C ILE C 151 -11.52 -12.93 -18.32
N ALA C 152 -10.67 -12.08 -18.92
CA ALA C 152 -11.09 -10.76 -19.32
C ALA C 152 -12.07 -10.81 -20.49
N ASP C 153 -12.03 -11.89 -21.27
CA ASP C 153 -12.91 -12.01 -22.42
C ASP C 153 -14.28 -12.44 -21.92
N ILE C 154 -14.29 -13.26 -20.85
CA ILE C 154 -15.51 -13.58 -20.12
C ILE C 154 -16.11 -12.32 -19.51
N LEU C 155 -15.27 -11.50 -18.86
CA LEU C 155 -15.70 -10.23 -18.27
C LEU C 155 -16.29 -9.36 -19.36
N SER C 156 -15.69 -9.46 -20.56
CA SER C 156 -16.15 -8.70 -21.72
C SER C 156 -17.55 -9.13 -22.14
N THR C 157 -17.83 -10.45 -22.11
CA THR C 157 -19.04 -11.04 -22.68
C THR C 157 -20.08 -11.39 -21.61
N SER C 158 -19.73 -11.17 -20.34
CA SER C 158 -20.73 -11.06 -19.30
C SER C 158 -21.49 -9.77 -19.60
N GLY C 159 -22.52 -9.46 -18.84
CA GLY C 159 -23.35 -8.35 -19.27
C GLY C 159 -22.81 -7.01 -18.79
N THR C 160 -23.73 -6.09 -18.52
CA THR C 160 -23.39 -4.81 -17.94
C THR C 160 -23.30 -4.93 -16.42
N VAL C 161 -23.95 -5.96 -15.87
CA VAL C 161 -24.01 -6.21 -14.44
C VAL C 161 -23.17 -7.46 -14.11
N VAL C 162 -22.04 -7.31 -13.45
CA VAL C 162 -21.14 -8.45 -13.29
C VAL C 162 -20.96 -8.81 -11.82
N THR C 163 -21.15 -10.08 -11.49
CA THR C 163 -20.93 -10.57 -10.14
C THR C 163 -19.61 -11.36 -10.05
N ILE C 164 -18.61 -10.89 -9.29
CA ILE C 164 -17.38 -11.67 -9.15
C ILE C 164 -17.40 -12.39 -7.81
N THR C 165 -17.12 -13.70 -7.81
CA THR C 165 -16.80 -14.42 -6.59
C THR C 165 -15.29 -14.37 -6.34
N ILE C 166 -14.91 -13.85 -5.17
CA ILE C 166 -13.51 -13.61 -4.82
C ILE C 166 -13.17 -14.27 -3.48
N MET C 167 -11.89 -14.59 -3.33
CA MET C 167 -11.37 -15.34 -2.21
C MET C 167 -10.03 -14.71 -1.86
N PRO C 168 -9.74 -14.40 -0.57
CA PRO C 168 -8.43 -13.89 -0.18
C PRO C 168 -7.29 -14.72 -0.83
N ALA C 169 -6.35 -14.02 -1.47
CA ALA C 169 -5.23 -14.64 -2.18
C ALA C 169 -4.50 -15.69 -1.35
N PHE C 170 -4.26 -15.42 -0.06
N PHE C 170 -4.24 -15.42 -0.05
CA PHE C 170 -3.44 -16.31 0.75
CA PHE C 170 -3.43 -16.31 0.77
C PHE C 170 -4.21 -17.59 1.04
C PHE C 170 -4.21 -17.60 1.02
N ILE C 171 -5.55 -17.52 1.00
CA ILE C 171 -6.35 -18.69 1.24
C ILE C 171 -6.38 -19.48 -0.06
N PHE C 172 -6.48 -18.75 -1.17
CA PHE C 172 -6.52 -19.35 -2.49
C PHE C 172 -5.23 -20.16 -2.73
N GLU C 173 -4.09 -19.48 -2.55
CA GLU C 173 -2.78 -20.10 -2.64
C GLU C 173 -2.67 -21.35 -1.77
N HIS C 174 -3.25 -21.32 -0.56
CA HIS C 174 -3.18 -22.48 0.31
C HIS C 174 -3.96 -23.64 -0.30
N ILE C 175 -5.18 -23.36 -0.80
CA ILE C 175 -6.05 -24.42 -1.31
C ILE C 175 -5.43 -25.10 -2.53
N ILE C 176 -4.69 -24.39 -3.39
CA ILE C 176 -4.30 -24.97 -4.68
C ILE C 176 -2.89 -25.57 -4.61
N LYS C 177 -2.20 -25.43 -3.47
CA LYS C 177 -1.03 -26.23 -3.15
C LYS C 177 -1.41 -27.70 -3.23
N ARG C 178 -0.40 -28.56 -3.44
CA ARG C 178 -0.52 -30.01 -3.55
C ARG C 178 -1.23 -30.38 -4.85
N MET C 179 -1.05 -29.55 -5.89
CA MET C 179 -1.72 -29.79 -7.14
C MET C 179 -0.99 -28.97 -8.20
N ALA C 180 -0.77 -29.62 -9.35
CA ALA C 180 0.08 -29.06 -10.39
C ALA C 180 -0.72 -28.10 -11.25
N PRO C 181 -0.21 -26.91 -11.57
CA PRO C 181 -0.95 -25.97 -12.44
C PRO C 181 -1.50 -26.57 -13.73
N SER C 182 -0.73 -27.44 -14.38
CA SER C 182 -1.14 -28.06 -15.63
C SER C 182 -2.36 -28.97 -15.42
N ILE C 183 -2.40 -29.64 -14.27
CA ILE C 183 -3.49 -30.56 -13.94
C ILE C 183 -4.73 -29.76 -13.51
N MET C 184 -4.52 -28.62 -12.85
CA MET C 184 -5.64 -27.83 -12.34
C MET C 184 -6.31 -27.14 -13.52
N LYS C 185 -5.49 -26.61 -14.43
CA LYS C 185 -6.02 -25.91 -15.59
C LYS C 185 -6.79 -26.85 -16.50
N SER C 186 -6.43 -28.13 -16.50
CA SER C 186 -6.94 -29.06 -17.49
C SER C 186 -8.25 -29.69 -17.04
N LEU C 187 -8.38 -29.97 -15.73
CA LEU C 187 -9.51 -30.73 -15.20
C LEU C 187 -10.54 -29.84 -14.52
N MET C 188 -10.19 -28.60 -14.16
CA MET C 188 -11.07 -27.76 -13.37
C MET C 188 -12.36 -27.45 -14.14
N ASP C 189 -13.50 -27.76 -13.49
CA ASP C 189 -14.85 -27.57 -14.05
C ASP C 189 -15.08 -26.11 -14.40
N HIS C 190 -15.53 -25.85 -15.66
CA HIS C 190 -15.98 -24.52 -16.08
C HIS C 190 -17.38 -24.57 -16.67
N THR C 191 -18.14 -25.63 -16.34
CA THR C 191 -19.55 -25.81 -16.65
C THR C 191 -20.39 -24.57 -16.39
N ILE C 192 -21.52 -24.51 -17.12
CA ILE C 192 -22.63 -23.62 -16.78
C ILE C 192 -23.82 -24.54 -16.56
N PRO C 193 -24.21 -24.82 -15.30
CA PRO C 193 -25.17 -25.90 -15.05
C PRO C 193 -26.53 -25.58 -15.67
N GLU C 194 -26.92 -24.29 -15.63
CA GLU C 194 -28.24 -23.87 -16.08
C GLU C 194 -28.18 -22.42 -16.52
N VAL C 195 -29.14 -22.02 -17.36
CA VAL C 195 -29.14 -20.71 -17.97
C VAL C 195 -30.53 -20.09 -17.83
N ILE D 5 10.09 6.11 -39.41
CA ILE D 5 11.41 6.27 -40.08
C ILE D 5 11.14 6.78 -41.51
N LYS D 6 11.87 7.84 -41.92
CA LYS D 6 11.61 8.51 -43.19
C LYS D 6 12.78 8.28 -44.14
N GLN D 7 12.54 7.51 -45.22
CA GLN D 7 13.52 7.33 -46.28
C GLN D 7 13.79 8.69 -46.94
N GLY D 8 15.06 8.92 -47.31
CA GLY D 8 15.49 10.23 -47.78
C GLY D 8 16.17 11.03 -46.67
N ILE D 9 16.71 12.19 -47.07
CA ILE D 9 17.68 12.94 -46.28
C ILE D 9 17.03 14.24 -45.78
N ARG D 10 17.39 14.64 -44.56
CA ARG D 10 16.79 15.78 -43.86
C ARG D 10 17.84 16.80 -43.42
N GLU D 11 17.91 17.94 -44.14
CA GLU D 11 18.74 19.07 -43.75
C GLU D 11 18.28 19.63 -42.41
N VAL D 12 19.21 19.87 -41.47
CA VAL D 12 18.89 20.66 -40.28
C VAL D 12 19.89 21.80 -40.06
N ILE D 13 19.35 22.90 -39.48
CA ILE D 13 20.04 24.15 -39.19
C ILE D 13 19.92 24.44 -37.69
N LEU D 14 21.04 24.36 -36.98
CA LEU D 14 21.06 24.51 -35.53
C LEU D 14 21.87 25.76 -35.19
N CYS D 15 21.83 26.14 -33.90
CA CYS D 15 22.79 27.08 -33.34
C CYS D 15 23.28 26.52 -32.01
N LYS D 16 24.55 26.80 -31.72
CA LYS D 16 25.14 26.48 -30.43
C LYS D 16 24.40 27.26 -29.34
N ASP D 17 24.38 26.69 -28.12
CA ASP D 17 23.84 27.38 -26.96
C ASP D 17 24.96 28.18 -26.33
N GLN D 18 24.68 28.96 -25.27
CA GLN D 18 25.65 29.95 -24.80
C GLN D 18 26.93 29.30 -24.28
N ASP D 19 26.93 27.99 -23.94
CA ASP D 19 28.16 27.27 -23.56
C ASP D 19 28.91 26.72 -24.78
N GLY D 20 28.31 26.88 -25.98
CA GLY D 20 28.92 26.47 -27.24
C GLY D 20 28.64 25.02 -27.61
N LYS D 21 27.53 24.47 -27.10
CA LYS D 21 27.18 23.06 -27.26
C LYS D 21 26.06 22.93 -28.29
N ILE D 22 26.02 21.80 -29.01
CA ILE D 22 24.85 21.44 -29.78
C ILE D 22 23.99 20.45 -28.98
N GLY D 23 24.64 19.59 -28.19
CA GLY D 23 23.93 18.61 -27.38
C GLY D 23 23.77 17.30 -28.14
N LEU D 24 24.93 16.79 -28.63
CA LEU D 24 25.08 15.55 -29.38
C LEU D 24 26.30 14.81 -28.88
N ARG D 25 26.26 13.47 -28.97
CA ARG D 25 27.48 12.68 -29.10
C ARG D 25 27.44 11.88 -30.39
N LEU D 26 28.61 11.42 -30.80
CA LEU D 26 28.72 10.79 -32.10
C LEU D 26 29.54 9.53 -31.95
N LYS D 27 29.30 8.56 -32.85
CA LYS D 27 30.06 7.34 -32.82
C LYS D 27 30.40 6.96 -34.26
N SER D 28 31.66 6.53 -34.49
CA SER D 28 32.05 5.97 -35.78
C SER D 28 31.42 4.59 -35.81
N ILE D 29 30.63 4.29 -36.84
CA ILE D 29 30.21 2.90 -37.01
C ILE D 29 30.25 2.59 -38.50
N ASP D 30 31.08 1.60 -38.87
CA ASP D 30 31.09 1.12 -40.24
C ASP D 30 31.45 2.31 -41.16
N ASN D 31 32.39 3.18 -40.73
CA ASN D 31 32.80 4.39 -41.46
C ASN D 31 31.62 5.33 -41.67
N GLY D 32 30.73 5.33 -40.67
CA GLY D 32 29.69 6.32 -40.56
C GLY D 32 29.89 7.14 -39.29
N ILE D 33 29.13 8.23 -39.24
CA ILE D 33 28.95 8.95 -37.99
C ILE D 33 27.45 8.85 -37.69
N PHE D 34 27.19 8.32 -36.49
CA PHE D 34 25.85 8.02 -36.00
C PHE D 34 25.66 8.74 -34.68
N VAL D 35 24.43 9.22 -34.44
CA VAL D 35 24.18 9.90 -33.17
C VAL D 35 24.07 8.83 -32.10
N GLN D 36 24.97 8.92 -31.15
CA GLN D 36 24.93 8.05 -30.01
C GLN D 36 24.05 8.63 -28.89
N LEU D 37 23.93 9.98 -28.82
CA LEU D 37 23.12 10.64 -27.79
C LEU D 37 22.57 11.98 -28.26
N VAL D 38 21.25 12.20 -28.05
CA VAL D 38 20.66 13.53 -28.10
C VAL D 38 20.44 13.99 -26.67
N GLN D 39 20.93 15.19 -26.33
CA GLN D 39 20.68 15.81 -25.03
C GLN D 39 19.31 16.51 -25.04
N ALA D 40 18.57 16.29 -23.93
CA ALA D 40 17.34 17.03 -23.68
C ALA D 40 17.71 18.49 -23.43
N ASN D 41 16.77 19.39 -23.71
CA ASN D 41 17.00 20.81 -23.51
C ASN D 41 18.08 21.32 -24.47
N SER D 42 18.43 20.58 -25.54
CA SER D 42 19.58 20.95 -26.36
C SER D 42 19.14 21.42 -27.75
N PRO D 43 19.98 22.25 -28.43
CA PRO D 43 19.67 22.71 -29.79
C PRO D 43 19.44 21.57 -30.77
N ALA D 44 20.21 20.49 -30.61
CA ALA D 44 19.94 19.22 -31.25
C ALA D 44 18.48 18.81 -31.03
N SER D 45 18.09 18.55 -29.76
CA SER D 45 16.71 18.17 -29.46
C SER D 45 15.75 19.15 -30.13
N LEU D 46 15.79 20.41 -29.68
CA LEU D 46 14.89 21.46 -30.19
C LEU D 46 14.71 21.37 -31.71
N VAL D 47 15.75 21.04 -32.52
CA VAL D 47 15.55 20.99 -33.97
C VAL D 47 15.12 19.60 -34.44
N GLY D 48 15.16 18.55 -33.59
CA GLY D 48 14.59 17.28 -33.98
C GLY D 48 15.60 16.21 -34.43
N LEU D 49 16.85 16.31 -33.94
CA LEU D 49 17.79 15.20 -34.03
C LEU D 49 17.32 14.08 -33.09
N ARG D 50 17.67 12.85 -33.51
CA ARG D 50 17.34 11.61 -32.83
C ARG D 50 18.55 10.67 -32.86
N PHE D 51 18.72 9.96 -31.73
CA PHE D 51 19.63 8.82 -31.54
C PHE D 51 19.57 7.85 -32.74
N GLY D 52 20.78 7.42 -33.16
CA GLY D 52 20.98 6.57 -34.32
C GLY D 52 20.67 7.25 -35.65
N ASP D 53 20.51 8.59 -35.67
CA ASP D 53 20.49 9.26 -36.96
C ASP D 53 21.93 9.22 -37.49
N GLN D 54 22.04 9.19 -38.80
CA GLN D 54 23.33 9.30 -39.44
C GLN D 54 23.52 10.77 -39.84
N VAL D 55 24.79 11.23 -39.72
CA VAL D 55 25.22 12.57 -40.10
C VAL D 55 26.00 12.51 -41.41
N LEU D 56 25.31 12.81 -42.53
CA LEU D 56 25.92 12.71 -43.85
C LEU D 56 26.98 13.80 -44.05
N GLN D 57 26.52 15.05 -44.24
CA GLN D 57 27.43 16.18 -44.26
C GLN D 57 27.44 16.85 -42.90
N ILE D 58 28.53 17.57 -42.60
CA ILE D 58 28.51 18.75 -41.74
C ILE D 58 29.15 19.90 -42.51
N ASN D 59 28.39 21.02 -42.46
CA ASN D 59 28.73 22.25 -43.13
C ASN D 59 29.21 21.88 -44.53
N GLY D 60 28.47 20.97 -45.17
CA GLY D 60 28.70 20.63 -46.56
C GLY D 60 29.74 19.53 -46.74
N GLU D 61 30.51 19.22 -45.70
CA GLU D 61 31.63 18.29 -45.80
C GLU D 61 31.26 16.90 -45.31
N ASN D 62 31.35 15.93 -46.23
CA ASN D 62 31.08 14.52 -45.98
C ASN D 62 31.84 14.05 -44.74
N CYS D 63 31.16 13.36 -43.81
CA CYS D 63 31.84 12.79 -42.63
C CYS D 63 32.15 11.30 -42.84
N ALA D 64 31.90 10.80 -44.05
CA ALA D 64 32.23 9.44 -44.40
C ALA D 64 33.64 9.13 -43.92
N GLY D 65 33.74 8.31 -42.87
CA GLY D 65 34.97 7.66 -42.48
C GLY D 65 35.71 8.38 -41.35
N TRP D 66 35.19 9.54 -40.94
CA TRP D 66 35.77 10.24 -39.81
C TRP D 66 35.70 9.34 -38.60
N SER D 67 36.76 9.35 -37.79
CA SER D 67 36.63 8.86 -36.44
C SER D 67 35.68 9.81 -35.74
N SER D 68 35.33 9.46 -34.50
CA SER D 68 34.39 10.24 -33.72
C SER D 68 35.05 11.58 -33.35
N ASP D 69 36.28 11.50 -32.82
CA ASP D 69 37.15 12.65 -32.60
C ASP D 69 37.05 13.63 -33.78
N LYS D 70 37.44 13.23 -34.98
CA LYS D 70 37.37 14.22 -36.04
C LYS D 70 35.98 14.85 -36.06
N ALA D 71 34.92 14.04 -35.93
CA ALA D 71 33.56 14.52 -36.10
C ALA D 71 33.16 15.45 -34.97
N HIS D 72 33.71 15.21 -33.75
CA HIS D 72 33.54 16.06 -32.60
C HIS D 72 34.19 17.43 -32.80
N LYS D 73 35.48 17.41 -33.15
CA LYS D 73 36.25 18.64 -33.23
C LYS D 73 35.69 19.50 -34.36
N VAL D 74 35.35 18.87 -35.51
CA VAL D 74 34.73 19.63 -36.56
C VAL D 74 33.52 20.41 -36.00
N LEU D 75 32.77 19.82 -35.03
CA LEU D 75 31.61 20.48 -34.44
C LEU D 75 32.04 21.54 -33.43
N LYS D 76 33.01 21.19 -32.59
CA LYS D 76 33.45 22.08 -31.54
C LYS D 76 34.02 23.38 -32.14
N GLN D 77 34.98 23.24 -33.05
CA GLN D 77 35.68 24.39 -33.60
C GLN D 77 34.90 25.02 -34.77
N ALA D 78 33.61 24.66 -34.94
CA ALA D 78 32.77 25.33 -35.92
C ALA D 78 32.55 26.79 -35.51
N PHE D 79 33.05 27.72 -36.33
CA PHE D 79 32.91 29.15 -36.10
C PHE D 79 31.79 29.69 -37.01
N GLY D 80 30.96 30.56 -36.46
CA GLY D 80 29.65 30.85 -37.03
C GLY D 80 28.55 30.41 -36.06
N GLU D 81 27.33 30.92 -36.27
CA GLU D 81 26.20 30.55 -35.47
C GLU D 81 25.62 29.26 -36.06
N LYS D 82 25.30 29.36 -37.37
CA LYS D 82 24.58 28.33 -38.11
C LYS D 82 25.50 27.19 -38.52
N ILE D 83 25.01 25.96 -38.25
CA ILE D 83 25.63 24.69 -38.58
C ILE D 83 24.64 23.85 -39.39
N THR D 84 25.00 23.45 -40.62
CA THR D 84 24.14 22.58 -41.41
C THR D 84 24.62 21.13 -41.29
N MET D 85 23.66 20.25 -40.95
CA MET D 85 23.88 18.80 -40.87
C MET D 85 22.85 18.09 -41.75
N THR D 86 23.27 17.65 -42.93
CA THR D 86 22.37 16.89 -43.79
C THR D 86 22.27 15.48 -43.18
N ILE D 87 21.04 14.96 -42.96
CA ILE D 87 20.83 13.78 -42.13
C ILE D 87 19.94 12.73 -42.79
N ARG D 88 20.29 11.47 -42.49
CA ARG D 88 19.49 10.31 -42.84
C ARG D 88 18.84 9.78 -41.57
N ASP D 89 17.51 9.60 -41.70
CA ASP D 89 16.63 9.26 -40.60
C ASP D 89 16.89 7.82 -40.14
N ARG D 90 17.41 7.74 -38.89
CA ARG D 90 17.44 6.55 -38.05
C ARG D 90 17.56 5.26 -38.85
N PRO D 91 18.71 5.04 -39.53
CA PRO D 91 18.80 3.97 -40.53
C PRO D 91 19.04 2.55 -40.01
N PHE D 92 19.54 2.39 -38.77
CA PHE D 92 19.71 1.09 -38.13
C PHE D 92 18.52 0.68 -37.24
N GLU D 93 17.32 1.23 -37.48
CA GLU D 93 16.20 1.03 -36.56
C GLU D 93 14.94 0.85 -37.39
N ARG D 94 13.96 0.14 -36.80
CA ARG D 94 12.68 -0.12 -37.46
C ARG D 94 11.53 0.13 -36.48
N THR D 95 10.30 0.35 -36.98
CA THR D 95 9.17 0.49 -36.06
C THR D 95 8.15 -0.62 -36.29
N ILE D 96 7.59 -1.14 -35.19
CA ILE D 96 6.56 -2.19 -35.23
C ILE D 96 5.30 -1.67 -34.51
N THR D 97 4.14 -1.62 -35.21
CA THR D 97 2.87 -1.24 -34.60
C THR D 97 2.12 -2.47 -34.04
N MET D 98 1.95 -2.52 -32.72
CA MET D 98 1.21 -3.56 -32.02
C MET D 98 -0.01 -3.01 -31.27
N HIS D 99 -1.15 -3.70 -31.41
CA HIS D 99 -2.35 -3.42 -30.63
C HIS D 99 -2.35 -4.27 -29.37
N LYS D 100 -2.77 -3.65 -28.27
CA LYS D 100 -2.72 -4.24 -26.94
C LYS D 100 -3.90 -5.20 -26.82
N ASP D 101 -3.76 -6.27 -26.04
CA ASP D 101 -4.85 -7.24 -25.93
C ASP D 101 -5.83 -6.75 -24.86
N SER D 102 -6.60 -7.67 -24.26
CA SER D 102 -7.66 -7.29 -23.31
C SER D 102 -7.09 -6.97 -21.93
N THR D 103 -5.82 -7.34 -21.70
CA THR D 103 -5.09 -6.98 -20.48
C THR D 103 -4.19 -5.76 -20.68
N GLY D 104 -4.30 -5.06 -21.82
CA GLY D 104 -3.39 -3.95 -22.15
C GLY D 104 -1.98 -4.37 -22.60
N HIS D 105 -1.80 -5.64 -23.00
CA HIS D 105 -0.52 -6.24 -23.38
C HIS D 105 -0.41 -6.50 -24.88
N VAL D 106 0.84 -6.73 -25.32
CA VAL D 106 1.14 -6.89 -26.74
C VAL D 106 2.02 -8.12 -26.97
N GLY D 107 2.71 -8.62 -25.93
CA GLY D 107 3.06 -10.03 -25.89
C GLY D 107 4.53 -10.35 -26.16
N PHE D 108 5.41 -9.81 -25.32
CA PHE D 108 6.82 -10.16 -25.39
C PHE D 108 7.46 -10.01 -24.02
N ILE D 109 8.56 -10.75 -23.83
CA ILE D 109 9.38 -10.67 -22.63
C ILE D 109 10.66 -9.90 -22.95
N PHE D 110 10.83 -8.73 -22.31
CA PHE D 110 11.85 -7.75 -22.64
C PHE D 110 12.71 -7.43 -21.41
N LYS D 111 14.03 -7.58 -21.59
CA LYS D 111 15.02 -7.37 -20.53
C LYS D 111 16.18 -6.50 -21.04
N ASN D 112 16.65 -5.60 -20.17
CA ASN D 112 17.78 -4.73 -20.49
C ASN D 112 17.46 -3.98 -21.78
N GLY D 113 16.19 -3.58 -21.91
CA GLY D 113 15.65 -3.03 -23.15
C GLY D 113 15.55 -4.04 -24.31
N LYS D 114 16.25 -5.18 -24.19
CA LYS D 114 16.44 -6.13 -25.28
C LYS D 114 15.41 -7.27 -25.26
N ILE D 115 14.54 -7.32 -26.29
CA ILE D 115 13.49 -8.33 -26.45
C ILE D 115 14.09 -9.74 -26.47
N THR D 116 13.49 -10.65 -25.69
CA THR D 116 14.05 -11.98 -25.45
C THR D 116 13.11 -13.13 -25.78
N SER D 117 11.79 -12.91 -25.78
CA SER D 117 10.85 -13.91 -26.26
C SER D 117 9.63 -13.24 -26.85
N ILE D 118 9.02 -13.92 -27.83
CA ILE D 118 7.74 -13.53 -28.40
C ILE D 118 6.73 -14.58 -27.94
N VAL D 119 5.59 -14.06 -27.46
CA VAL D 119 4.49 -14.87 -26.98
C VAL D 119 3.66 -15.35 -28.18
N LYS D 120 3.26 -16.64 -28.14
CA LYS D 120 2.50 -17.26 -29.22
C LYS D 120 1.16 -16.57 -29.39
N ASP D 121 0.82 -16.30 -30.66
CA ASP D 121 -0.44 -15.69 -31.06
C ASP D 121 -0.65 -14.35 -30.35
N SER D 122 0.45 -13.72 -29.91
CA SER D 122 0.44 -12.35 -29.43
C SER D 122 0.45 -11.36 -30.60
N SER D 123 0.25 -10.09 -30.24
CA SER D 123 0.37 -8.97 -31.17
C SER D 123 1.79 -8.88 -31.70
N ALA D 124 2.76 -9.06 -30.79
CA ALA D 124 4.18 -9.11 -31.13
C ALA D 124 4.45 -10.16 -32.21
N ALA D 125 3.93 -11.38 -32.00
CA ALA D 125 4.02 -12.46 -32.98
C ALA D 125 3.38 -12.04 -34.30
N ARG D 126 2.09 -11.65 -34.28
CA ARG D 126 1.40 -11.26 -35.49
C ARG D 126 2.14 -10.17 -36.28
N ASN D 127 2.76 -9.22 -35.60
CA ASN D 127 3.40 -8.10 -36.30
C ASN D 127 4.91 -8.35 -36.41
N GLY D 128 5.41 -9.47 -35.87
CA GLY D 128 6.71 -10.00 -36.25
C GLY D 128 7.87 -9.30 -35.55
N LEU D 129 7.66 -8.95 -34.29
CA LEU D 129 8.74 -8.52 -33.42
C LEU D 129 9.79 -9.62 -33.36
N LEU D 130 11.04 -9.23 -33.15
CA LEU D 130 12.19 -10.12 -33.17
C LEU D 130 12.85 -10.12 -31.81
N THR D 131 13.54 -11.22 -31.47
CA THR D 131 14.38 -11.23 -30.28
C THR D 131 15.79 -10.78 -30.67
N GLU D 132 16.64 -10.66 -29.66
CA GLU D 132 17.96 -10.06 -29.81
C GLU D 132 17.88 -8.69 -30.49
N HIS D 133 16.89 -7.88 -30.10
CA HIS D 133 16.77 -6.51 -30.56
C HIS D 133 16.34 -5.57 -29.44
N ASN D 134 16.77 -4.31 -29.58
CA ASN D 134 16.66 -3.32 -28.52
C ASN D 134 15.59 -2.32 -28.85
N ILE D 135 14.94 -1.85 -27.76
CA ILE D 135 13.84 -0.90 -27.86
C ILE D 135 14.42 0.50 -27.84
N CYS D 136 14.19 1.22 -28.94
CA CYS D 136 14.73 2.55 -29.10
C CYS D 136 13.66 3.59 -28.72
N GLU D 137 12.43 3.39 -29.17
CA GLU D 137 11.45 4.46 -29.07
C GLU D 137 10.05 3.86 -28.96
N ILE D 138 9.20 4.58 -28.20
CA ILE D 138 7.84 4.16 -27.96
C ILE D 138 6.99 5.35 -28.36
N ASN D 139 6.23 5.13 -29.47
CA ASN D 139 5.36 6.12 -30.10
C ASN D 139 6.14 7.38 -30.46
N GLY D 140 7.32 7.15 -31.08
CA GLY D 140 8.26 8.21 -31.42
C GLY D 140 9.10 8.71 -30.24
N GLN D 141 8.93 8.17 -29.01
CA GLN D 141 9.60 8.69 -27.82
C GLN D 141 10.76 7.82 -27.36
N ASN D 142 11.95 8.43 -27.29
CA ASN D 142 13.22 7.81 -26.87
C ASN D 142 13.14 7.33 -25.41
N VAL D 143 13.49 6.08 -25.21
CA VAL D 143 13.36 5.37 -23.95
C VAL D 143 14.71 4.75 -23.60
N ILE D 144 15.75 5.14 -24.35
CA ILE D 144 17.05 4.48 -24.25
C ILE D 144 17.72 4.94 -22.97
N GLY D 145 18.12 3.96 -22.12
CA GLY D 145 18.75 4.23 -20.83
C GLY D 145 17.85 3.96 -19.62
N LEU D 146 16.51 4.20 -19.74
CA LEU D 146 15.57 4.09 -18.63
C LEU D 146 15.55 2.65 -18.11
N LYS D 147 14.95 2.49 -16.92
CA LYS D 147 14.70 1.19 -16.31
C LYS D 147 13.65 0.42 -17.13
N ASP D 148 13.70 -0.92 -17.08
CA ASP D 148 12.70 -1.74 -17.76
C ASP D 148 11.30 -1.29 -17.34
N SER D 149 11.23 -0.81 -16.10
CA SER D 149 9.96 -0.58 -15.46
C SER D 149 9.32 0.66 -16.06
N GLN D 150 10.16 1.65 -16.32
CA GLN D 150 9.70 2.90 -16.91
C GLN D 150 9.33 2.63 -18.38
N ILE D 151 10.05 1.68 -18.98
CA ILE D 151 9.70 1.22 -20.32
C ILE D 151 8.31 0.57 -20.26
N ALA D 152 8.11 -0.42 -19.36
CA ALA D 152 6.77 -0.93 -19.13
C ALA D 152 5.81 0.25 -19.02
N ASP D 153 6.16 1.27 -18.21
CA ASP D 153 5.17 2.29 -17.90
C ASP D 153 4.80 3.11 -19.14
N ILE D 154 5.76 3.30 -20.05
CA ILE D 154 5.49 4.06 -21.27
C ILE D 154 4.61 3.21 -22.22
N LEU D 155 4.86 1.89 -22.31
CA LEU D 155 3.94 0.99 -23.02
C LEU D 155 2.52 1.12 -22.45
N SER D 156 2.41 1.19 -21.12
CA SER D 156 1.09 1.24 -20.49
C SER D 156 0.37 2.48 -21.01
N THR D 157 1.06 3.61 -20.88
CA THR D 157 0.51 4.96 -21.07
C THR D 157 0.21 5.24 -22.55
N SER D 158 0.69 4.37 -23.43
CA SER D 158 0.31 4.40 -24.83
C SER D 158 -1.19 4.14 -24.96
N GLY D 159 -1.79 4.77 -26.00
CA GLY D 159 -3.05 4.31 -26.56
C GLY D 159 -3.04 2.81 -26.91
N THR D 160 -4.19 2.29 -27.30
CA THR D 160 -4.31 0.91 -27.74
C THR D 160 -3.21 0.61 -28.77
N VAL D 161 -3.09 1.50 -29.77
CA VAL D 161 -2.09 1.38 -30.81
C VAL D 161 -0.75 1.72 -30.15
N VAL D 162 0.23 0.80 -30.25
CA VAL D 162 1.56 0.95 -29.64
C VAL D 162 2.61 0.71 -30.73
N THR D 163 3.27 1.79 -31.16
CA THR D 163 4.41 1.65 -32.06
C THR D 163 5.67 1.60 -31.21
N ILE D 164 6.58 0.66 -31.51
CA ILE D 164 7.90 0.73 -30.91
C ILE D 164 8.99 0.56 -31.97
N THR D 165 10.18 1.03 -31.61
CA THR D 165 11.30 1.21 -32.52
C THR D 165 12.43 0.32 -32.03
N ILE D 166 13.01 -0.48 -32.94
CA ILE D 166 13.93 -1.52 -32.51
C ILE D 166 15.26 -1.44 -33.28
N MET D 167 16.31 -1.95 -32.62
CA MET D 167 17.67 -2.01 -33.14
C MET D 167 18.28 -3.37 -32.79
N PRO D 168 18.92 -4.09 -33.74
CA PRO D 168 19.66 -5.32 -33.44
C PRO D 168 20.78 -5.21 -32.43
N ALA D 169 20.93 -6.25 -31.60
CA ALA D 169 21.68 -6.15 -30.36
C ALA D 169 23.16 -5.91 -30.63
N PHE D 170 23.73 -6.62 -31.61
N PHE D 170 23.74 -6.60 -31.61
CA PHE D 170 25.14 -6.47 -31.95
CA PHE D 170 25.18 -6.42 -31.83
C PHE D 170 25.45 -5.00 -32.26
C PHE D 170 25.46 -4.99 -32.27
N ILE D 171 24.48 -4.32 -32.88
CA ILE D 171 24.68 -2.98 -33.40
C ILE D 171 24.40 -1.99 -32.28
N PHE D 172 23.20 -2.12 -31.70
CA PHE D 172 22.86 -1.35 -30.53
C PHE D 172 24.11 -1.27 -29.67
N GLU D 173 24.65 -2.44 -29.28
CA GLU D 173 25.80 -2.53 -28.40
C GLU D 173 27.00 -1.80 -28.96
N HIS D 174 27.21 -1.87 -30.29
CA HIS D 174 28.35 -1.16 -30.89
C HIS D 174 28.15 0.35 -30.64
N ILE D 175 26.94 0.85 -30.96
CA ILE D 175 26.59 2.25 -30.92
C ILE D 175 26.80 2.78 -29.51
N ILE D 176 26.19 2.15 -28.52
CA ILE D 176 26.27 2.67 -27.15
C ILE D 176 27.68 2.54 -26.57
N LYS D 177 28.57 1.72 -27.16
CA LYS D 177 29.89 1.55 -26.54
C LYS D 177 30.66 2.88 -26.40
N ARG D 178 31.53 2.95 -25.37
CA ARG D 178 32.31 4.12 -25.02
C ARG D 178 31.39 5.29 -24.64
N MET D 179 30.44 5.01 -23.74
CA MET D 179 29.51 6.00 -23.20
C MET D 179 29.15 5.51 -21.82
N ALA D 180 29.44 6.33 -20.81
CA ALA D 180 29.25 5.99 -19.40
C ALA D 180 27.76 5.77 -19.14
N PRO D 181 27.42 4.63 -18.48
CA PRO D 181 26.03 4.37 -18.12
C PRO D 181 25.35 5.67 -17.73
N SER D 182 26.13 6.48 -17.01
CA SER D 182 25.68 7.60 -16.20
C SER D 182 25.24 8.76 -17.09
N ILE D 183 25.91 8.89 -18.24
CA ILE D 183 25.63 10.01 -19.13
C ILE D 183 24.32 9.73 -19.86
N MET D 184 24.28 8.54 -20.47
CA MET D 184 23.12 8.02 -21.18
C MET D 184 21.87 8.23 -20.32
N LYS D 185 21.96 7.80 -19.06
CA LYS D 185 20.90 7.89 -18.03
C LYS D 185 20.53 9.34 -17.71
N SER D 186 21.49 10.26 -17.77
CA SER D 186 21.29 11.61 -17.28
C SER D 186 20.94 12.57 -18.41
N LEU D 187 21.55 12.41 -19.60
CA LEU D 187 21.54 13.46 -20.60
C LEU D 187 20.52 13.16 -21.70
N MET D 188 20.14 11.87 -21.83
CA MET D 188 19.38 11.42 -22.99
C MET D 188 17.96 11.99 -22.92
N ASP D 189 17.66 12.76 -23.97
CA ASP D 189 16.35 13.26 -24.33
C ASP D 189 15.26 12.17 -24.40
N HIS D 190 14.19 12.35 -23.60
CA HIS D 190 13.03 11.48 -23.51
C HIS D 190 11.73 12.30 -23.66
N THR D 191 11.84 13.53 -24.19
CA THR D 191 10.70 14.46 -24.24
C THR D 191 9.69 13.99 -25.28
N ILE D 192 8.42 14.32 -25.06
CA ILE D 192 7.40 14.15 -26.09
C ILE D 192 6.77 15.52 -26.33
N PRO D 193 6.10 15.73 -27.49
CA PRO D 193 5.56 17.06 -27.81
C PRO D 193 4.41 17.45 -26.87
N GLU D 194 3.63 16.48 -26.40
CA GLU D 194 2.49 16.74 -25.52
C GLU D 194 2.07 15.45 -24.85
N VAL D 195 1.14 15.60 -23.91
CA VAL D 195 0.55 14.47 -23.19
C VAL D 195 -0.97 14.54 -23.36
#